data_6U3I
#
_entry.id   6U3I
#
_cell.length_a   111.570
_cell.length_b   143.030
_cell.length_c   241.230
_cell.angle_alpha   90.000
_cell.angle_beta   90.000
_cell.angle_gamma   90.000
#
_symmetry.space_group_name_H-M   'I 2 2 2'
#
loop_
_entity.id
_entity.type
_entity.pdbx_description
1 polymer 'Proprotein convertase subtilisin/kexin type 9'
2 polymer 'cis-1-amino-4-phenylcyclohexaneacyl-WNLK(hR)I(D-ser)LLR - NH2'
3 polymer '7G7 heavy chain'
4 polymer '7G7 light chain'
5 non-polymer 'CALCIUM ION'
6 water water
#
loop_
_entity_poly.entity_id
_entity_poly.type
_entity_poly.pdbx_seq_one_letter_code
_entity_poly.pdbx_strand_id
1 'polypeptide(L)'
;MGTVSSRRSWWPLPLLLLLLLLLGPAGARAQEDEDGDYEELVLALRSEEDGLAEAPEHGTTATFHRCAKDPWRLPGTYVV
VLKEETHLSQSERTARRLQAQAARRGYLTKILHVFHGLLPGFLVKMSGDLLELALKLPHVDYIEEDSSVFAQSIPWNLER
ITPPRYRADEYQPPDGGSLVEVYLLDTSIQSDHREIEGRVMVTDFENVPEEDGTRFHRQASKCDSHGTHLAGVVSGRDAG
VAKGASMRSLRVLNCQGKGTVSGTLIGLEFIRKSQLVQPVGPLVVLLPLAGGYSRVLNAACQRLARAGVVLVTAAGNFRD
DACLYSPASAPEVITVGATNAQDQPVTLGTLGTNFGRCVDLFAPGEDIIGASSDCSTCFVSQSGTSQAAAHVAGIAAMML
SAEPELTLAELRQRLIHFSAKDVINEAWFPEDQRVLTPNLVAALPPSTHGAGWQLFCRTVWSAHSGPTRMATAIARCAPD
EELLSCSSFSRSGKRRGERMEAQGGKLVCRAHNAFGGEGVYAIARCCLLPQANCSVHTAPPAEASMGTRVHCHQQGHVLT
GCSSHWEVEDLGTHKPPVLRPRGQPNQCVGHREASIHASCCHAPGLECKVKEHGIPAPQEQVTVACEEGWTLTGCSALPG
TSHVLGAYAVDNTCVVRSRDVSTTGSTSEEAVTAVAICCRSRHLAQASQELQHHHHHHHH
;
A
2 'polypeptide(L)' (PQG)WNLK(HRG)I(DSN)LLR B
3 'polypeptide(L)'
;QVQLKQSGAELVRPGASVKLSCKASGYIFTDYYINWLKKRPGQGLEWIARIYPGSGHTYYNENFKDKATLTAEKSSSNVY
MQLSSLTSEDSAVYFCARENFYGSSYVDWYFDVWGTGTTVTVSSAKTTPPSVYPLAPGCGDTTGSSVTLGCLVKGYFPES
VTVTWNSGSLSSSVHTFPALLQSGLYTMSSSVTVPSSTWPSQTVTCSVAHPASSTTVDKKLEP
;
H
4 'polypeptide(L)'
;DIVMTQSQKFMSTSGGDRVSITCKTSQNVGTAVAWFQQKPGQSPKLLIYSASNRYTGVSDRFTGSGSGTEFIFTISYAQS
EDLADYFCHQYSSYPLTFGAGTKLELKRADAAPTVSIFPPSSEQLTSGGASVVCFLNNFYPKDINVKWKIDGSERQNGVL
NSWTDQDSKDSTYSMSSTLTLTKDEYERHNSYTCEATHKTSTSPIVKSFNRNEC
;
L
#
# COMPACT_ATOMS: atom_id res chain seq x y z
N THR A 61 24.50 11.78 1.10
CA THR A 61 23.79 10.75 1.88
C THR A 61 24.74 9.75 2.62
N ALA A 62 26.09 9.99 2.64
CA ALA A 62 27.03 9.14 3.41
C ALA A 62 27.22 9.91 4.71
N THR A 63 26.70 9.36 5.83
CA THR A 63 26.66 10.02 7.15
C THR A 63 27.71 9.56 8.20
N PHE A 64 28.03 10.47 9.16
CA PHE A 64 28.97 10.23 10.27
C PHE A 64 28.17 10.20 11.58
N HIS A 65 28.33 9.11 12.36
CA HIS A 65 27.62 8.89 13.63
C HIS A 65 28.60 8.73 14.81
N ARG A 66 28.35 9.43 15.91
CA ARG A 66 29.18 9.33 17.12
C ARG A 66 28.26 9.16 18.35
N CYS A 67 28.80 8.60 19.45
CA CYS A 67 27.98 8.39 20.64
C CYS A 67 27.43 9.74 21.21
N ALA A 68 26.13 9.72 21.68
CA ALA A 68 25.47 10.89 22.28
C ALA A 68 26.16 11.27 23.62
N LYS A 69 26.53 10.23 24.41
CA LYS A 69 27.24 10.35 25.69
C LYS A 69 28.77 10.55 25.46
N ASP A 70 29.23 11.84 25.41
CA ASP A 70 30.63 12.21 25.21
C ASP A 70 31.67 11.33 26.00
N PRO A 71 31.55 11.10 27.33
CA PRO A 71 32.56 10.24 28.01
C PRO A 71 32.69 8.81 27.47
N TRP A 72 31.69 8.28 26.70
CA TRP A 72 31.74 6.92 26.13
C TRP A 72 32.28 6.88 24.68
N ARG A 73 32.71 8.04 24.13
CA ARG A 73 33.28 8.11 22.78
C ARG A 73 34.72 7.61 22.77
N LEU A 74 35.15 6.97 21.67
CA LEU A 74 36.52 6.48 21.52
C LEU A 74 37.07 6.93 20.15
N PRO A 75 37.32 8.27 20.04
CA PRO A 75 37.83 8.82 18.76
C PRO A 75 39.18 8.20 18.38
N GLY A 76 39.45 8.11 17.08
CA GLY A 76 40.64 7.45 16.56
C GLY A 76 40.33 6.15 15.85
N THR A 77 39.29 5.38 16.31
CA THR A 77 38.83 4.15 15.65
C THR A 77 37.40 4.37 15.15
N TYR A 78 37.14 3.99 13.87
CA TYR A 78 35.90 4.19 13.12
C TYR A 78 35.45 2.90 12.40
N VAL A 79 34.15 2.64 12.37
CA VAL A 79 33.59 1.50 11.68
C VAL A 79 33.08 2.09 10.39
N VAL A 80 33.65 1.68 9.22
CA VAL A 80 33.19 2.17 7.93
C VAL A 80 32.26 1.11 7.38
N VAL A 81 30.96 1.43 7.31
CA VAL A 81 29.93 0.49 6.84
C VAL A 81 29.69 0.82 5.39
N LEU A 82 29.76 -0.20 4.50
CA LEU A 82 29.55 -0.02 3.05
C LEU A 82 28.11 -0.40 2.65
N LYS A 83 27.77 -0.25 1.36
CA LYS A 83 26.40 -0.53 0.91
C LYS A 83 26.14 -2.04 0.82
N GLU A 84 24.89 -2.44 1.05
CA GLU A 84 24.42 -3.83 1.15
C GLU A 84 25.13 -4.89 0.29
N GLU A 85 25.27 -4.68 -1.01
CA GLU A 85 25.82 -5.73 -1.88
C GLU A 85 27.29 -5.54 -2.25
N THR A 86 28.09 -5.10 -1.26
CA THR A 86 29.52 -4.84 -1.43
C THR A 86 30.28 -6.12 -1.10
N HIS A 87 30.98 -6.70 -2.09
CA HIS A 87 31.75 -7.92 -1.90
C HIS A 87 33.02 -7.66 -1.11
N LEU A 88 33.60 -8.71 -0.53
CA LEU A 88 34.84 -8.65 0.25
C LEU A 88 35.96 -7.98 -0.55
N SER A 89 36.07 -8.30 -1.85
CA SER A 89 37.09 -7.69 -2.69
C SER A 89 36.88 -6.16 -2.72
N GLN A 90 35.62 -5.66 -2.75
CA GLN A 90 35.32 -4.21 -2.73
C GLN A 90 35.64 -3.58 -1.36
N SER A 91 35.33 -4.27 -0.24
CA SER A 91 35.67 -3.77 1.10
C SER A 91 37.19 -3.62 1.19
N GLU A 92 37.96 -4.72 0.91
CA GLU A 92 39.43 -4.68 0.91
C GLU A 92 39.95 -3.55 0.02
N ARG A 93 39.43 -3.44 -1.19
CA ARG A 93 39.86 -2.38 -2.10
C ARG A 93 39.59 -1.00 -1.52
N THR A 94 38.38 -0.77 -0.92
CA THR A 94 38.01 0.50 -0.31
C THR A 94 38.88 0.83 0.88
N ALA A 95 39.26 -0.19 1.67
CA ALA A 95 40.13 -0.02 2.83
C ALA A 95 41.52 0.43 2.35
N ARG A 96 42.10 -0.29 1.38
CA ARG A 96 43.39 0.09 0.80
C ARG A 96 43.39 1.53 0.19
N ARG A 97 42.27 1.88 -0.52
CA ARG A 97 42.06 3.20 -1.12
C ARG A 97 42.16 4.27 -0.04
N LEU A 98 41.52 4.03 1.14
CA LEU A 98 41.57 4.96 2.27
C LEU A 98 43.01 5.11 2.77
N GLN A 99 43.71 3.96 3.01
CA GLN A 99 45.11 3.99 3.46
C GLN A 99 46.00 4.80 2.49
N ALA A 100 45.91 4.51 1.16
CA ALA A 100 46.70 5.17 0.11
C ALA A 100 46.45 6.68 0.10
N GLN A 101 45.15 7.05 0.04
CA GLN A 101 44.67 8.44 0.07
C GLN A 101 45.16 9.14 1.34
N ALA A 102 45.05 8.49 2.50
CA ALA A 102 45.55 9.09 3.74
C ALA A 102 47.09 9.31 3.69
N ALA A 103 47.84 8.30 3.22
CA ALA A 103 49.31 8.34 3.08
C ALA A 103 49.70 9.47 2.14
N ARG A 104 48.92 9.67 1.04
CA ARG A 104 49.16 10.80 0.12
C ARG A 104 49.13 12.15 0.89
N ARG A 105 48.27 12.27 1.93
CA ARG A 105 48.11 13.47 2.77
C ARG A 105 49.06 13.42 3.99
N GLY A 106 49.91 12.40 4.08
CA GLY A 106 50.91 12.27 5.13
C GLY A 106 50.40 11.78 6.45
N TYR A 107 49.47 10.80 6.43
CA TYR A 107 48.88 10.22 7.65
C TYR A 107 49.00 8.71 7.65
N LEU A 108 49.60 8.13 8.71
CA LEU A 108 49.63 6.69 8.91
C LEU A 108 48.21 6.27 9.32
N THR A 109 47.81 5.08 8.87
CA THR A 109 46.46 4.52 9.08
C THR A 109 46.64 3.05 9.32
N LYS A 110 45.74 2.40 10.02
CA LYS A 110 45.85 0.97 10.29
C LYS A 110 44.48 0.32 10.12
N ILE A 111 44.32 -0.57 9.12
CA ILE A 111 43.03 -1.26 8.92
C ILE A 111 43.04 -2.43 9.95
N LEU A 112 42.33 -2.27 11.09
CA LEU A 112 42.31 -3.27 12.16
C LEU A 112 41.59 -4.57 11.77
N HIS A 113 40.53 -4.48 10.95
CA HIS A 113 39.76 -5.66 10.61
C HIS A 113 38.86 -5.38 9.43
N VAL A 114 38.77 -6.32 8.47
CA VAL A 114 37.87 -6.21 7.32
C VAL A 114 36.66 -7.09 7.63
N PHE A 115 35.46 -6.48 7.64
CA PHE A 115 34.21 -7.18 7.95
C PHE A 115 33.64 -7.91 6.74
N HIS A 116 33.18 -9.13 6.96
CA HIS A 116 32.50 -9.93 5.96
C HIS A 116 31.73 -11.02 6.69
N GLY A 117 30.50 -11.24 6.28
CA GLY A 117 29.65 -12.25 6.89
C GLY A 117 28.45 -11.56 7.49
N LEU A 118 28.70 -10.70 8.47
CA LEU A 118 27.61 -10.00 9.13
C LEU A 118 27.29 -8.73 8.40
N LEU A 119 28.30 -7.93 8.09
CA LEU A 119 28.09 -6.70 7.32
C LEU A 119 29.30 -6.36 6.46
N PRO A 120 29.11 -5.52 5.41
CA PRO A 120 30.25 -5.15 4.56
C PRO A 120 30.90 -3.85 5.09
N GLY A 121 32.19 -3.90 5.32
CA GLY A 121 32.90 -2.73 5.79
C GLY A 121 34.26 -3.03 6.36
N PHE A 122 34.77 -2.14 7.18
CA PHE A 122 36.06 -2.35 7.82
C PHE A 122 36.21 -1.43 9.02
N LEU A 123 37.16 -1.77 9.86
CA LEU A 123 37.48 -1.07 11.08
C LEU A 123 38.80 -0.40 10.83
N VAL A 124 38.89 0.94 11.09
CA VAL A 124 40.12 1.68 10.81
C VAL A 124 40.58 2.59 11.95
N LYS A 125 41.91 2.57 12.23
CA LYS A 125 42.55 3.43 13.22
C LYS A 125 43.18 4.56 12.40
N MET A 126 42.65 5.77 12.56
CA MET A 126 43.14 6.94 11.82
C MET A 126 42.76 8.20 12.56
N SER A 127 43.34 9.35 12.17
CA SER A 127 42.95 10.63 12.75
C SER A 127 41.52 10.97 12.32
N GLY A 128 40.82 11.71 13.16
CA GLY A 128 39.51 12.22 12.81
C GLY A 128 39.59 13.27 11.70
N ASP A 129 40.82 13.81 11.45
CA ASP A 129 41.08 14.77 10.35
C ASP A 129 40.73 14.11 9.01
N LEU A 130 40.95 12.80 8.91
CA LEU A 130 40.67 12.06 7.69
C LEU A 130 39.21 11.59 7.51
N LEU A 131 38.27 12.07 8.34
CA LEU A 131 36.87 11.66 8.22
C LEU A 131 36.23 12.14 6.93
N GLU A 132 36.31 13.46 6.67
CA GLU A 132 35.75 14.08 5.46
C GLU A 132 36.27 13.35 4.21
N LEU A 133 37.55 12.93 4.23
CA LEU A 133 38.13 12.10 3.16
C LEU A 133 37.45 10.71 3.10
N ALA A 134 37.28 10.02 4.25
CA ALA A 134 36.65 8.70 4.26
C ALA A 134 35.19 8.71 3.84
N LEU A 135 34.42 9.79 4.16
CA LEU A 135 33.00 9.92 3.75
C LEU A 135 32.88 10.08 2.24
N LYS A 136 33.94 10.59 1.57
CA LYS A 136 33.96 10.71 0.10
C LYS A 136 34.29 9.38 -0.59
N LEU A 137 34.73 8.33 0.15
CA LEU A 137 35.09 7.04 -0.45
C LEU A 137 33.90 6.43 -1.17
N PRO A 138 34.17 5.58 -2.18
CA PRO A 138 33.06 4.94 -2.89
C PRO A 138 32.47 3.79 -2.05
N HIS A 139 31.17 3.50 -2.29
CA HIS A 139 30.43 2.44 -1.63
C HIS A 139 30.09 2.70 -0.17
N VAL A 140 30.45 3.87 0.42
CA VAL A 140 30.22 4.10 1.85
C VAL A 140 28.73 4.37 2.14
N ASP A 141 28.17 3.66 3.14
CA ASP A 141 26.80 3.88 3.59
C ASP A 141 26.90 4.91 4.73
N TYR A 142 27.74 4.61 5.76
CA TYR A 142 27.98 5.50 6.89
C TYR A 142 29.22 5.10 7.65
N ILE A 143 29.69 6.01 8.49
CA ILE A 143 30.88 5.82 9.33
C ILE A 143 30.43 6.04 10.76
N GLU A 144 30.75 5.10 11.66
CA GLU A 144 30.40 5.22 13.06
C GLU A 144 31.66 5.22 13.89
N GLU A 145 31.81 6.22 14.77
CA GLU A 145 32.95 6.33 15.66
C GLU A 145 32.76 5.28 16.77
N ASP A 146 33.84 4.57 17.12
CA ASP A 146 33.78 3.53 18.13
C ASP A 146 33.47 4.13 19.49
N SER A 147 32.87 3.33 20.37
CA SER A 147 32.50 3.77 21.70
C SER A 147 32.50 2.58 22.64
N SER A 148 32.47 2.85 23.95
CA SER A 148 32.52 1.77 24.93
C SER A 148 31.19 1.14 25.28
N VAL A 149 31.27 -0.15 25.62
CA VAL A 149 30.17 -0.94 26.16
C VAL A 149 30.62 -1.30 27.57
N PHE A 150 29.67 -1.59 28.44
CA PHE A 150 29.94 -1.87 29.84
C PHE A 150 29.13 -3.09 30.30
N ALA A 151 29.72 -3.89 31.22
CA ALA A 151 29.10 -5.04 31.87
C ALA A 151 27.84 -4.53 32.64
N GLN A 152 26.69 -5.26 32.59
CA GLN A 152 25.45 -4.85 33.27
C GLN A 152 25.01 -5.86 34.29
N GLY A 177 15.39 -34.78 24.38
CA GLY A 177 15.74 -33.36 24.31
C GLY A 177 16.80 -33.05 23.26
N SER A 178 16.81 -31.78 22.76
CA SER A 178 17.77 -31.30 21.75
C SER A 178 18.85 -30.37 22.36
N LEU A 179 20.03 -30.34 21.73
CA LEU A 179 21.17 -29.56 22.20
C LEU A 179 21.19 -28.14 21.59
N VAL A 180 20.97 -27.13 22.48
CA VAL A 180 20.96 -25.71 22.16
C VAL A 180 22.31 -25.12 22.57
N GLU A 181 22.88 -24.25 21.74
CA GLU A 181 24.15 -23.60 22.04
C GLU A 181 23.88 -22.17 22.49
N VAL A 182 24.45 -21.76 23.63
CA VAL A 182 24.30 -20.40 24.16
C VAL A 182 25.66 -19.69 24.09
N TYR A 183 25.76 -18.64 23.29
CA TYR A 183 27.00 -17.88 23.15
C TYR A 183 26.96 -16.77 24.18
N LEU A 184 28.07 -16.54 24.89
CA LEU A 184 28.15 -15.52 25.90
C LEU A 184 29.24 -14.54 25.53
N LEU A 185 28.88 -13.27 25.31
CA LEU A 185 29.86 -12.23 25.01
C LEU A 185 29.99 -11.42 26.30
N ASP A 186 31.08 -11.64 27.05
CA ASP A 186 31.26 -11.00 28.35
C ASP A 186 32.77 -11.02 28.76
N THR A 187 33.07 -11.27 30.03
CA THR A 187 34.44 -11.31 30.54
C THR A 187 35.05 -12.72 30.29
N SER A 188 36.24 -12.97 30.85
CA SER A 188 36.82 -14.31 30.83
C SER A 188 35.93 -15.16 31.76
N ILE A 189 36.12 -16.49 31.80
CA ILE A 189 35.22 -17.37 32.57
C ILE A 189 35.99 -18.49 33.25
N GLN A 190 35.56 -18.91 34.49
CA GLN A 190 36.23 -20.05 35.13
C GLN A 190 35.53 -21.30 34.62
N SER A 191 36.03 -21.83 33.50
CA SER A 191 35.42 -23.01 32.86
C SER A 191 35.51 -24.32 33.69
N ASP A 192 36.33 -24.34 34.76
CA ASP A 192 36.48 -25.51 35.62
C ASP A 192 35.60 -25.43 36.91
N HIS A 193 34.75 -24.40 37.05
CA HIS A 193 33.89 -24.28 38.23
C HIS A 193 32.87 -25.43 38.17
N ARG A 194 32.59 -26.08 39.33
CA ARG A 194 31.71 -27.27 39.32
C ARG A 194 30.33 -27.00 38.74
N GLU A 195 29.86 -25.79 38.95
CA GLU A 195 28.57 -25.30 38.50
C GLU A 195 28.43 -25.33 36.97
N ILE A 196 29.52 -25.09 36.23
CA ILE A 196 29.47 -25.03 34.75
C ILE A 196 30.50 -25.93 34.00
N GLU A 197 31.35 -26.72 34.67
CA GLU A 197 32.33 -27.52 33.91
C GLU A 197 31.67 -28.59 33.02
N GLY A 198 32.22 -28.74 31.81
CA GLY A 198 31.72 -29.68 30.81
C GLY A 198 30.60 -29.12 29.95
N ARG A 199 29.99 -28.01 30.41
CA ARG A 199 28.92 -27.32 29.70
C ARG A 199 29.44 -26.02 29.06
N VAL A 200 30.62 -25.49 29.49
CA VAL A 200 31.16 -24.26 28.95
C VAL A 200 32.41 -24.55 28.14
N MET A 201 32.51 -23.95 26.94
CA MET A 201 33.62 -24.09 26.03
C MET A 201 34.16 -22.69 25.78
N VAL A 202 35.45 -22.46 26.05
CA VAL A 202 36.07 -21.15 25.84
C VAL A 202 36.55 -21.12 24.38
N THR A 203 35.96 -20.21 23.59
CA THR A 203 36.20 -20.15 22.14
C THR A 203 37.59 -19.70 21.71
N ASP A 204 38.33 -18.99 22.59
CA ASP A 204 39.63 -18.39 22.27
C ASP A 204 39.49 -17.04 21.56
N PHE A 205 38.25 -16.62 21.19
CA PHE A 205 38.01 -15.31 20.62
C PHE A 205 38.23 -14.32 21.76
N GLU A 206 39.09 -13.32 21.54
CA GLU A 206 39.37 -12.32 22.55
C GLU A 206 39.55 -10.98 21.86
N ASN A 207 38.83 -9.95 22.34
CA ASN A 207 38.91 -8.60 21.77
C ASN A 207 38.43 -7.57 22.79
N VAL A 208 39.39 -6.98 23.55
CA VAL A 208 39.06 -6.02 24.60
C VAL A 208 39.97 -4.79 24.57
N PRO A 209 39.45 -3.64 25.02
CA PRO A 209 40.32 -2.45 25.13
C PRO A 209 41.28 -2.59 26.30
N GLU A 210 42.40 -1.82 26.29
CA GLU A 210 43.34 -1.88 27.42
C GLU A 210 42.68 -1.21 28.65
N GLU A 211 43.04 -1.68 29.85
CA GLU A 211 42.46 -1.15 31.09
C GLU A 211 43.00 0.27 31.36
N ASP A 212 42.21 1.07 32.07
CA ASP A 212 42.55 2.45 32.39
C ASP A 212 43.48 2.48 33.60
N GLY A 213 44.49 3.35 33.51
CA GLY A 213 45.48 3.54 34.56
C GLY A 213 46.82 3.03 34.11
N THR A 214 47.84 3.90 34.15
CA THR A 214 49.22 3.56 33.76
C THR A 214 49.75 2.33 34.51
N ARG A 215 49.44 2.26 35.82
CA ARG A 215 49.91 1.17 36.68
C ARG A 215 48.81 0.17 37.04
N PHE A 216 47.78 -0.04 36.16
CA PHE A 216 46.73 -1.05 36.43
C PHE A 216 47.31 -2.47 36.20
N HIS A 217 47.08 -3.37 37.18
CA HIS A 217 47.51 -4.78 37.13
C HIS A 217 46.43 -5.69 37.74
N ARG A 218 46.09 -6.79 37.04
CA ARG A 218 45.10 -7.77 37.48
C ARG A 218 45.56 -8.49 38.73
N GLN A 219 46.87 -8.84 38.75
CA GLN A 219 47.57 -9.53 39.83
C GLN A 219 46.91 -10.88 40.11
N ALA A 220 46.45 -11.20 41.35
CA ALA A 220 45.85 -12.49 41.63
C ALA A 220 44.41 -12.63 41.06
N SER A 221 43.86 -11.56 40.41
CA SER A 221 42.55 -11.62 39.79
C SER A 221 42.63 -12.22 38.40
N LYS A 222 41.71 -13.14 38.07
CA LYS A 222 41.68 -13.79 36.77
C LYS A 222 40.65 -13.15 35.79
N CYS A 223 39.99 -12.00 36.20
CA CYS A 223 39.05 -11.23 35.36
C CYS A 223 37.96 -12.15 34.77
N ASP A 224 37.43 -12.97 35.69
CA ASP A 224 36.53 -14.11 35.56
C ASP A 224 35.09 -13.81 36.02
N SER A 225 34.97 -13.02 37.13
CA SER A 225 33.77 -12.75 37.92
C SER A 225 32.41 -12.61 37.21
N HIS A 226 32.26 -11.61 36.32
CA HIS A 226 30.96 -11.33 35.69
C HIS A 226 30.51 -12.47 34.82
N GLY A 227 31.42 -12.92 33.97
CA GLY A 227 31.18 -14.04 33.05
C GLY A 227 30.87 -15.36 33.71
N THR A 228 31.62 -15.70 34.78
CA THR A 228 31.44 -16.96 35.49
C THR A 228 30.05 -16.99 36.13
N HIS A 229 29.66 -15.89 36.79
CA HIS A 229 28.35 -15.77 37.41
C HIS A 229 27.25 -15.94 36.39
N LEU A 230 27.34 -15.23 35.25
CA LEU A 230 26.31 -15.29 34.20
C LEU A 230 26.22 -16.66 33.53
N ALA A 231 27.35 -17.34 33.30
CA ALA A 231 27.34 -18.70 32.78
C ALA A 231 26.63 -19.62 33.79
N GLY A 232 26.85 -19.38 35.07
CA GLY A 232 26.17 -20.11 36.11
C GLY A 232 24.67 -19.85 36.14
N VAL A 233 24.23 -18.57 35.97
CA VAL A 233 22.79 -18.26 35.99
C VAL A 233 22.07 -18.92 34.80
N VAL A 234 22.72 -18.93 33.63
CA VAL A 234 22.14 -19.53 32.43
C VAL A 234 22.07 -21.07 32.55
N SER A 235 23.17 -21.75 33.00
CA SER A 235 23.27 -23.21 32.97
C SER A 235 23.97 -23.93 34.12
N GLY A 236 24.08 -23.29 35.28
CA GLY A 236 24.75 -23.88 36.45
C GLY A 236 24.05 -25.12 36.96
N ARG A 237 24.81 -26.17 37.40
CA ARG A 237 24.23 -27.44 37.88
C ARG A 237 23.18 -27.29 38.93
N ASP A 238 23.46 -26.52 39.99
CA ASP A 238 22.56 -26.37 41.14
C ASP A 238 21.76 -25.08 41.19
N ALA A 239 22.32 -23.96 40.68
CA ALA A 239 21.70 -22.63 40.71
C ALA A 239 21.36 -22.05 39.31
N GLY A 240 21.49 -22.88 38.26
CA GLY A 240 21.19 -22.48 36.90
C GLY A 240 19.76 -22.69 36.47
N VAL A 241 19.33 -21.93 35.44
CA VAL A 241 17.98 -21.99 34.89
C VAL A 241 17.86 -23.19 33.94
N ALA A 242 18.80 -23.33 32.99
CA ALA A 242 18.74 -24.40 32.00
C ALA A 242 19.90 -25.27 32.26
N LYS A 243 19.78 -26.10 33.28
CA LYS A 243 20.84 -27.01 33.73
C LYS A 243 21.40 -27.89 32.57
N GLY A 244 20.58 -28.26 31.59
CA GLY A 244 21.06 -28.99 30.41
C GLY A 244 21.30 -28.07 29.22
N ALA A 245 22.37 -27.21 29.27
CA ALA A 245 22.63 -26.24 28.18
C ALA A 245 24.11 -26.08 27.84
N SER A 246 24.43 -26.17 26.54
CA SER A 246 25.79 -26.03 26.04
C SER A 246 26.06 -24.53 25.90
N MET A 247 27.25 -24.08 26.26
CA MET A 247 27.62 -22.68 26.24
C MET A 247 28.95 -22.48 25.60
N ARG A 248 29.14 -21.36 24.87
CA ARG A 248 30.39 -21.01 24.20
C ARG A 248 30.76 -19.56 24.61
N SER A 249 31.94 -19.35 25.21
CA SER A 249 32.37 -18.05 25.72
C SER A 249 33.26 -17.26 24.75
N LEU A 250 32.95 -15.95 24.52
CA LEU A 250 33.76 -15.00 23.73
C LEU A 250 34.12 -13.84 24.68
N ARG A 251 35.42 -13.46 24.78
CA ARG A 251 35.86 -12.41 25.68
C ARG A 251 35.80 -11.04 24.98
N VAL A 252 34.80 -10.23 25.38
CA VAL A 252 34.54 -8.92 24.81
C VAL A 252 34.62 -7.78 25.88
N LEU A 253 34.79 -8.12 27.20
CA LEU A 253 34.92 -7.15 28.30
C LEU A 253 36.22 -7.45 29.09
N ASN A 254 36.99 -6.40 29.42
CA ASN A 254 38.26 -6.52 30.15
C ASN A 254 38.01 -6.60 31.67
N CYS A 255 39.09 -6.56 32.49
CA CYS A 255 39.03 -6.60 33.97
C CYS A 255 38.14 -5.55 34.60
N GLN A 256 38.01 -4.41 33.96
CA GLN A 256 37.15 -3.34 34.44
C GLN A 256 35.73 -3.46 33.90
N GLY A 257 35.39 -4.61 33.31
CA GLY A 257 34.09 -4.86 32.71
C GLY A 257 33.76 -3.93 31.54
N LYS A 258 34.78 -3.49 30.77
CA LYS A 258 34.59 -2.58 29.64
C LYS A 258 34.99 -3.22 28.30
N GLY A 259 34.18 -3.01 27.27
CA GLY A 259 34.41 -3.46 25.91
C GLY A 259 34.24 -2.32 24.93
N THR A 260 34.23 -2.62 23.60
CA THR A 260 33.98 -1.60 22.57
C THR A 260 32.89 -2.05 21.63
N VAL A 261 32.30 -1.10 20.89
CA VAL A 261 31.30 -1.50 19.93
C VAL A 261 32.01 -2.33 18.84
N SER A 262 33.20 -1.90 18.43
CA SER A 262 33.99 -2.59 17.44
C SER A 262 34.33 -4.05 17.84
N GLY A 263 34.64 -4.30 19.10
CA GLY A 263 34.96 -5.64 19.59
C GLY A 263 33.74 -6.55 19.64
N THR A 264 32.61 -6.00 20.04
CA THR A 264 31.37 -6.77 20.08
C THR A 264 30.97 -7.14 18.66
N LEU A 265 31.12 -6.18 17.73
CA LEU A 265 30.80 -6.37 16.32
C LEU A 265 31.57 -7.58 15.78
N ILE A 266 32.89 -7.63 16.09
CA ILE A 266 33.79 -8.69 15.64
C ILE A 266 33.35 -10.02 16.27
N GLY A 267 32.94 -10.01 17.55
CA GLY A 267 32.40 -11.20 18.24
C GLY A 267 31.13 -11.72 17.57
N LEU A 268 30.23 -10.81 17.12
CA LEU A 268 28.98 -11.19 16.45
C LEU A 268 29.29 -11.79 15.07
N GLU A 269 30.27 -11.20 14.35
CA GLU A 269 30.69 -11.69 13.03
C GLU A 269 31.34 -13.09 13.24
N PHE A 270 32.03 -13.33 14.37
CA PHE A 270 32.60 -14.64 14.66
C PHE A 270 31.46 -15.65 14.73
N ILE A 271 30.48 -15.38 15.61
CA ILE A 271 29.28 -16.20 15.77
C ILE A 271 28.59 -16.50 14.40
N ARG A 272 28.41 -15.50 13.53
CA ARG A 272 27.80 -15.70 12.23
C ARG A 272 28.65 -16.65 11.40
N LYS A 273 29.95 -16.39 11.32
CA LYS A 273 30.83 -17.24 10.55
C LYS A 273 30.83 -18.68 11.12
N SER A 274 30.64 -18.85 12.44
CA SER A 274 30.56 -20.20 13.02
C SER A 274 29.29 -20.87 12.54
N GLN A 275 28.16 -20.19 12.63
CA GLN A 275 26.85 -20.68 12.16
C GLN A 275 26.93 -21.21 10.70
N LEU A 276 27.56 -20.42 9.79
CA LEU A 276 27.72 -20.78 8.35
C LEU A 276 28.51 -22.08 8.15
N VAL A 277 29.66 -22.22 8.83
CA VAL A 277 30.53 -23.39 8.71
C VAL A 277 30.21 -24.53 9.71
N GLN A 278 29.14 -24.42 10.55
CA GLN A 278 28.81 -25.42 11.57
C GLN A 278 27.31 -25.89 11.47
N PRO A 279 26.55 -26.25 12.54
CA PRO A 279 25.23 -26.88 12.31
C PRO A 279 24.07 -25.96 11.93
N VAL A 280 22.86 -26.60 11.91
CA VAL A 280 21.53 -25.99 11.74
C VAL A 280 20.77 -26.17 13.11
N GLY A 281 21.52 -26.10 14.24
CA GLY A 281 20.99 -26.23 15.59
C GLY A 281 20.60 -24.88 16.17
N PRO A 282 19.75 -24.80 17.23
CA PRO A 282 19.37 -23.48 17.75
C PRO A 282 20.50 -22.70 18.41
N LEU A 283 20.56 -21.38 18.13
CA LEU A 283 21.56 -20.50 18.72
C LEU A 283 20.90 -19.46 19.57
N VAL A 284 21.39 -19.27 20.81
CA VAL A 284 21.00 -18.19 21.69
C VAL A 284 22.28 -17.38 21.93
N VAL A 285 22.20 -16.06 21.90
CA VAL A 285 23.37 -15.20 22.12
C VAL A 285 22.98 -14.31 23.28
N LEU A 286 23.80 -14.30 24.32
CA LEU A 286 23.57 -13.47 25.50
C LEU A 286 24.59 -12.31 25.44
N LEU A 287 24.07 -11.08 25.34
CA LEU A 287 24.82 -9.84 25.31
C LEU A 287 24.54 -9.11 26.63
N PRO A 288 25.19 -9.51 27.73
CA PRO A 288 24.93 -8.85 29.02
C PRO A 288 25.63 -7.49 29.20
N LEU A 289 25.65 -6.66 28.15
CA LEU A 289 26.37 -5.40 28.14
C LEU A 289 25.49 -4.29 27.54
N ALA A 290 25.95 -3.04 27.67
CA ALA A 290 25.20 -1.90 27.15
C ALA A 290 26.09 -0.69 26.91
N GLY A 291 25.79 0.05 25.85
CA GLY A 291 26.44 1.31 25.52
C GLY A 291 25.39 2.26 24.99
N GLY A 292 25.80 3.44 24.55
CA GLY A 292 24.89 4.41 23.95
C GLY A 292 24.31 3.89 22.65
N TYR A 293 23.19 4.50 22.17
CA TYR A 293 22.58 4.02 20.91
C TYR A 293 23.66 3.85 19.87
N SER A 294 23.65 2.72 19.16
CA SER A 294 24.62 2.47 18.13
C SER A 294 23.93 1.97 16.88
N ARG A 295 23.95 2.78 15.81
CA ARG A 295 23.37 2.41 14.52
C ARG A 295 23.94 1.05 14.04
N VAL A 296 25.28 0.93 14.02
CA VAL A 296 25.96 -0.28 13.55
C VAL A 296 25.72 -1.49 14.46
N LEU A 297 25.76 -1.33 15.80
CA LEU A 297 25.52 -2.50 16.66
C LEU A 297 24.08 -3.04 16.44
N ASN A 298 23.09 -2.13 16.36
CA ASN A 298 21.70 -2.52 16.13
C ASN A 298 21.49 -3.22 14.81
N ALA A 299 22.21 -2.79 13.75
CA ALA A 299 22.15 -3.39 12.39
C ALA A 299 22.74 -4.80 12.44
N ALA A 300 23.95 -4.94 13.04
CA ALA A 300 24.60 -6.23 13.21
C ALA A 300 23.67 -7.20 13.95
N CYS A 301 22.96 -6.72 14.99
CA CYS A 301 21.99 -7.55 15.71
C CYS A 301 20.81 -7.91 14.84
N GLN A 302 20.29 -6.94 14.06
CA GLN A 302 19.20 -7.21 13.14
C GLN A 302 19.63 -8.27 12.13
N ARG A 303 20.89 -8.25 11.64
CA ARG A 303 21.31 -9.24 10.64
C ARG A 303 21.37 -10.64 11.27
N LEU A 304 21.97 -10.80 12.48
CA LEU A 304 21.97 -12.12 13.12
C LEU A 304 20.52 -12.63 13.41
N ALA A 305 19.61 -11.74 13.86
CA ALA A 305 18.22 -12.11 14.14
C ALA A 305 17.50 -12.64 12.92
N ARG A 306 17.72 -12.00 11.75
CA ARG A 306 17.11 -12.40 10.47
C ARG A 306 17.72 -13.72 9.97
N ALA A 307 18.95 -14.04 10.40
CA ALA A 307 19.61 -15.30 10.07
C ALA A 307 19.17 -16.44 11.01
N GLY A 308 18.19 -16.16 11.89
CA GLY A 308 17.62 -17.13 12.81
C GLY A 308 18.18 -17.18 14.22
N VAL A 309 19.20 -16.37 14.56
CA VAL A 309 19.78 -16.37 15.91
C VAL A 309 18.83 -15.62 16.88
N VAL A 310 18.78 -16.09 18.14
CA VAL A 310 17.96 -15.49 19.21
C VAL A 310 18.91 -14.65 20.08
N LEU A 311 18.81 -13.31 20.05
CA LEU A 311 19.70 -12.44 20.82
C LEU A 311 18.97 -11.95 22.07
N VAL A 312 19.59 -12.12 23.24
CA VAL A 312 19.01 -11.70 24.51
C VAL A 312 19.99 -10.69 25.10
N THR A 313 19.48 -9.50 25.50
CA THR A 313 20.36 -8.44 26.03
C THR A 313 19.82 -7.79 27.32
N ALA A 314 20.74 -7.14 28.04
CA ALA A 314 20.42 -6.41 29.26
C ALA A 314 19.81 -5.06 28.83
N ALA A 315 18.74 -4.60 29.52
CA ALA A 315 18.07 -3.34 29.22
C ALA A 315 18.91 -2.13 29.58
N GLY A 316 19.84 -2.30 30.52
CA GLY A 316 20.72 -1.25 31.01
C GLY A 316 20.46 -0.93 32.48
N ASN A 317 21.53 -0.53 33.21
CA ASN A 317 21.48 -0.23 34.63
C ASN A 317 21.57 1.26 34.90
N PHE A 318 20.91 2.04 34.06
CA PHE A 318 20.99 3.49 34.12
C PHE A 318 19.74 4.20 34.52
N ARG A 319 18.68 3.49 34.99
CA ARG A 319 17.42 4.14 35.40
C ARG A 319 17.00 5.12 34.28
N ASP A 320 17.04 4.67 33.03
CA ASP A 320 16.77 5.52 31.88
C ASP A 320 16.06 4.72 30.80
N ASP A 321 15.59 5.41 29.76
CA ASP A 321 14.91 4.81 28.63
C ASP A 321 15.93 3.93 27.87
N ALA A 322 15.67 2.62 27.77
CA ALA A 322 16.52 1.65 27.07
C ALA A 322 16.66 1.89 25.56
N CYS A 323 15.86 2.78 24.96
CA CYS A 323 15.93 3.12 23.54
C CYS A 323 17.13 4.01 23.24
N LEU A 324 17.76 4.59 24.26
CA LEU A 324 18.95 5.43 24.11
C LEU A 324 20.23 4.61 24.19
N TYR A 325 20.11 3.27 24.36
CA TYR A 325 21.23 2.36 24.57
C TYR A 325 21.19 1.20 23.59
N SER A 326 22.35 0.59 23.33
CA SER A 326 22.48 -0.55 22.39
C SER A 326 23.32 -1.66 23.03
N PRO A 327 23.07 -2.95 22.72
CA PRO A 327 22.01 -3.45 21.82
C PRO A 327 20.56 -3.32 22.33
N ALA A 328 20.30 -2.82 23.55
CA ALA A 328 18.93 -2.68 24.09
C ALA A 328 17.89 -2.14 23.10
N SER A 329 18.21 -1.02 22.43
CA SER A 329 17.31 -0.35 21.47
C SER A 329 16.96 -1.18 20.23
N ALA A 330 17.80 -2.15 19.82
CA ALA A 330 17.54 -2.99 18.63
C ALA A 330 16.21 -3.75 18.80
N PRO A 331 15.17 -3.55 17.93
CA PRO A 331 13.87 -4.23 18.14
C PRO A 331 13.87 -5.76 17.97
N GLU A 332 14.82 -6.31 17.22
CA GLU A 332 14.91 -7.76 16.98
C GLU A 332 15.48 -8.50 18.20
N VAL A 333 16.31 -7.85 19.04
CA VAL A 333 16.83 -8.53 20.21
C VAL A 333 15.72 -8.55 21.28
N ILE A 334 15.85 -9.45 22.26
CA ILE A 334 14.93 -9.55 23.37
C ILE A 334 15.58 -8.80 24.54
N THR A 335 15.08 -7.58 24.81
CA THR A 335 15.61 -6.71 25.86
C THR A 335 14.91 -7.00 27.19
N VAL A 336 15.68 -7.32 28.23
CA VAL A 336 15.21 -7.72 29.54
C VAL A 336 15.60 -6.72 30.65
N GLY A 337 14.61 -6.24 31.39
CA GLY A 337 14.79 -5.39 32.56
C GLY A 337 14.84 -6.26 33.82
N ALA A 338 15.29 -5.69 34.92
CA ALA A 338 15.45 -6.42 36.19
C ALA A 338 14.41 -6.05 37.24
N THR A 339 13.86 -7.06 37.93
CA THR A 339 12.92 -6.91 39.06
C THR A 339 13.46 -7.75 40.24
N ASN A 340 13.06 -7.40 41.46
CA ASN A 340 13.50 -8.06 42.67
C ASN A 340 12.45 -9.03 43.25
N ALA A 341 12.77 -9.64 44.42
CA ALA A 341 11.89 -10.60 45.08
C ALA A 341 10.54 -10.02 45.55
N GLN A 342 10.45 -8.68 45.73
CA GLN A 342 9.20 -8.00 46.12
C GLN A 342 8.49 -7.38 44.91
N ASP A 343 8.76 -7.91 43.67
CA ASP A 343 8.23 -7.49 42.37
C ASP A 343 8.40 -5.97 42.12
N GLN A 344 9.51 -5.39 42.60
CA GLN A 344 9.80 -3.98 42.40
C GLN A 344 10.83 -3.89 41.29
N PRO A 345 10.90 -2.80 40.50
CA PRO A 345 12.02 -2.69 39.56
C PRO A 345 13.30 -2.54 40.40
N VAL A 346 14.40 -3.16 39.97
CA VAL A 346 15.67 -3.15 40.71
C VAL A 346 16.33 -1.77 40.78
N THR A 347 16.82 -1.43 42.00
CA THR A 347 17.57 -0.22 42.29
C THR A 347 19.03 -0.63 42.44
N LEU A 348 19.93 0.06 41.74
CA LEU A 348 21.37 -0.22 41.75
C LEU A 348 22.05 1.08 42.10
N GLY A 349 22.22 1.28 43.41
CA GLY A 349 22.78 2.50 43.93
C GLY A 349 21.81 3.64 43.71
N THR A 350 22.26 4.66 42.97
CA THR A 350 21.49 5.86 42.62
C THR A 350 20.71 5.69 41.28
N LEU A 351 21.01 4.59 40.54
CA LEU A 351 20.35 4.28 39.28
C LEU A 351 19.50 2.99 39.47
N GLY A 352 19.53 2.08 38.50
CA GLY A 352 18.72 0.87 38.52
C GLY A 352 18.32 0.43 37.13
N THR A 353 17.37 -0.51 37.04
CA THR A 353 16.89 -1.01 35.76
C THR A 353 16.37 0.06 34.81
N ASN A 354 16.67 -0.13 33.51
CA ASN A 354 16.18 0.76 32.47
C ASN A 354 14.69 0.44 32.22
N PHE A 355 13.99 1.25 31.43
CA PHE A 355 12.54 1.10 31.21
C PHE A 355 12.11 1.51 29.78
N GLY A 356 10.79 1.60 29.55
CA GLY A 356 10.24 2.06 28.28
C GLY A 356 9.93 0.98 27.27
N ARG A 357 9.38 1.43 26.14
CA ARG A 357 8.92 0.58 25.03
C ARG A 357 9.98 -0.41 24.48
N CYS A 358 11.30 -0.08 24.52
CA CYS A 358 12.35 -0.98 24.01
C CYS A 358 12.62 -2.18 24.90
N VAL A 359 12.03 -2.23 26.15
CA VAL A 359 12.15 -3.38 27.07
C VAL A 359 11.04 -4.35 26.70
N ASP A 360 11.41 -5.60 26.33
CA ASP A 360 10.43 -6.61 25.93
C ASP A 360 9.72 -7.19 27.17
N LEU A 361 10.49 -7.45 28.24
CA LEU A 361 9.97 -7.96 29.51
C LEU A 361 10.99 -7.78 30.66
N PHE A 362 10.60 -8.15 31.89
CA PHE A 362 11.46 -8.06 33.08
C PHE A 362 11.74 -9.48 33.55
N ALA A 363 12.73 -9.68 34.42
CA ALA A 363 13.09 -11.00 34.95
C ALA A 363 13.83 -10.84 36.29
N PRO A 364 14.03 -11.90 37.10
CA PRO A 364 14.76 -11.73 38.37
C PRO A 364 16.18 -11.16 38.19
N GLY A 365 16.49 -10.01 38.81
CA GLY A 365 17.81 -9.39 38.67
C GLY A 365 18.40 -8.71 39.91
N GLU A 366 18.00 -9.17 41.12
CA GLU A 366 18.49 -8.65 42.39
C GLU A 366 18.78 -9.83 43.28
N ASP A 367 19.98 -9.84 43.93
CA ASP A 367 20.37 -10.91 44.81
C ASP A 367 20.21 -12.27 44.18
N ILE A 368 20.94 -12.48 43.09
CA ILE A 368 20.88 -13.70 42.32
C ILE A 368 22.10 -14.59 42.64
N ILE A 369 21.86 -15.75 43.28
CA ILE A 369 22.95 -16.70 43.59
C ILE A 369 23.45 -17.29 42.25
N GLY A 370 24.75 -17.34 42.11
CA GLY A 370 25.38 -17.94 40.95
C GLY A 370 26.83 -18.20 41.23
N ALA A 371 27.47 -18.98 40.37
CA ALA A 371 28.88 -19.35 40.50
C ALA A 371 29.81 -18.15 40.78
N SER A 372 30.80 -18.34 41.68
CA SER A 372 31.83 -17.36 41.99
C SER A 372 33.19 -17.86 41.53
N SER A 373 33.98 -16.97 40.93
CA SER A 373 35.34 -17.26 40.46
C SER A 373 36.31 -17.41 41.66
N ASP A 374 35.89 -17.01 42.90
CA ASP A 374 36.68 -17.16 44.12
C ASP A 374 37.20 -18.58 44.33
N CYS A 375 36.37 -19.59 44.05
CA CYS A 375 36.75 -21.01 44.16
C CYS A 375 35.83 -21.88 43.30
N SER A 376 36.27 -23.10 42.94
CA SER A 376 35.51 -24.01 42.08
C SER A 376 34.14 -24.48 42.61
N THR A 377 33.80 -24.18 43.86
CA THR A 377 32.51 -24.57 44.42
C THR A 377 31.85 -23.40 45.13
N CYS A 378 32.32 -22.18 44.86
CA CYS A 378 31.83 -20.99 45.55
C CYS A 378 30.69 -20.36 44.84
N PHE A 379 29.81 -19.69 45.58
CA PHE A 379 28.68 -18.97 45.04
C PHE A 379 28.79 -17.50 45.42
N VAL A 380 27.96 -16.67 44.80
CA VAL A 380 27.97 -15.22 45.05
C VAL A 380 26.67 -14.65 44.55
N SER A 381 26.20 -13.62 45.23
CA SER A 381 24.96 -12.93 44.93
C SER A 381 25.27 -11.65 44.12
N GLN A 382 24.75 -11.54 42.87
CA GLN A 382 24.93 -10.33 42.05
C GLN A 382 23.56 -9.75 41.60
N SER A 383 23.56 -8.46 41.19
CA SER A 383 22.36 -7.74 40.75
C SER A 383 22.64 -6.93 39.46
N GLY A 384 21.62 -6.80 38.61
CA GLY A 384 21.72 -6.08 37.34
C GLY A 384 20.89 -6.69 36.24
N THR A 385 20.72 -5.96 35.15
CA THR A 385 19.94 -6.40 34.00
C THR A 385 20.67 -7.49 33.23
N SER A 386 21.98 -7.70 33.47
CA SER A 386 22.67 -8.82 32.83
C SER A 386 22.22 -10.13 33.51
N GLN A 387 22.01 -10.10 34.84
CA GLN A 387 21.46 -11.26 35.59
C GLN A 387 20.05 -11.62 35.04
N ALA A 388 19.20 -10.60 34.91
CA ALA A 388 17.87 -10.69 34.35
C ALA A 388 17.96 -11.25 32.91
N ALA A 389 18.87 -10.75 32.07
CA ALA A 389 19.02 -11.27 30.71
C ALA A 389 19.37 -12.78 30.70
N ALA A 390 20.31 -13.20 31.58
CA ALA A 390 20.72 -14.59 31.69
C ALA A 390 19.56 -15.52 31.99
N HIS A 391 18.56 -15.08 32.82
CA HIS A 391 17.37 -15.91 33.11
C HIS A 391 16.61 -16.16 31.83
N VAL A 392 16.40 -15.11 31.01
CA VAL A 392 15.65 -15.25 29.77
C VAL A 392 16.42 -16.12 28.76
N ALA A 393 17.78 -16.01 28.72
CA ALA A 393 18.60 -16.85 27.82
C ALA A 393 18.43 -18.33 28.21
N GLY A 394 18.31 -18.58 29.53
CA GLY A 394 18.09 -19.91 30.08
C GLY A 394 16.75 -20.45 29.67
N ILE A 395 15.70 -19.63 29.86
CA ILE A 395 14.34 -19.98 29.51
C ILE A 395 14.32 -20.26 28.00
N ALA A 396 14.86 -19.36 27.16
CA ALA A 396 14.89 -19.57 25.70
C ALA A 396 15.56 -20.92 25.34
N ALA A 397 16.72 -21.20 25.96
CA ALA A 397 17.47 -22.46 25.76
C ALA A 397 16.63 -23.68 26.11
N MET A 398 15.83 -23.60 27.20
CA MET A 398 14.92 -24.68 27.59
C MET A 398 13.84 -24.82 26.53
N MET A 399 13.18 -23.70 26.15
CA MET A 399 12.13 -23.74 25.12
C MET A 399 12.66 -24.33 23.81
N LEU A 400 13.87 -23.94 23.40
CA LEU A 400 14.48 -24.41 22.16
C LEU A 400 14.96 -25.86 22.25
N SER A 401 15.32 -26.38 23.43
CA SER A 401 15.67 -27.80 23.51
C SER A 401 14.39 -28.65 23.22
N ALA A 402 13.21 -28.21 23.73
CA ALA A 402 11.93 -28.89 23.49
C ALA A 402 11.50 -28.80 22.00
N GLU A 403 11.25 -27.58 21.48
CA GLU A 403 10.84 -27.32 20.09
C GLU A 403 12.00 -26.62 19.34
N PRO A 404 13.03 -27.32 18.85
CA PRO A 404 14.15 -26.64 18.21
C PRO A 404 13.87 -25.86 16.93
N GLU A 405 12.79 -26.17 16.20
CA GLU A 405 12.48 -25.45 14.96
C GLU A 405 11.64 -24.16 15.22
N LEU A 406 11.46 -23.79 16.50
CA LEU A 406 10.71 -22.61 16.93
C LEU A 406 11.39 -21.35 16.41
N THR A 407 10.64 -20.46 15.75
CA THR A 407 11.21 -19.21 15.21
C THR A 407 11.34 -18.14 16.31
N LEU A 408 12.09 -17.07 16.02
CA LEU A 408 12.31 -15.96 16.98
C LEU A 408 10.97 -15.24 17.31
N ALA A 409 10.08 -15.08 16.31
CA ALA A 409 8.79 -14.46 16.56
C ALA A 409 8.00 -15.32 17.54
N GLU A 410 7.99 -16.65 17.29
CA GLU A 410 7.29 -17.64 18.12
C GLU A 410 7.83 -17.64 19.52
N LEU A 411 9.16 -17.53 19.66
CA LEU A 411 9.80 -17.54 20.98
C LEU A 411 9.47 -16.29 21.80
N ARG A 412 9.53 -15.11 21.17
CA ARG A 412 9.21 -13.84 21.84
C ARG A 412 7.73 -13.85 22.29
N GLN A 413 6.85 -14.32 21.40
CA GLN A 413 5.43 -14.46 21.68
C GLN A 413 5.17 -15.41 22.85
N ARG A 414 5.92 -16.53 22.88
CA ARG A 414 5.81 -17.51 23.97
C ARG A 414 6.40 -16.94 25.26
N LEU A 415 7.57 -16.28 25.21
CA LEU A 415 8.15 -15.64 26.40
C LEU A 415 7.15 -14.69 27.05
N ILE A 416 6.47 -13.85 26.22
CA ILE A 416 5.46 -12.90 26.71
C ILE A 416 4.23 -13.62 27.19
N HIS A 417 3.82 -14.67 26.49
CA HIS A 417 2.64 -15.42 26.91
C HIS A 417 2.73 -16.04 28.31
N PHE A 418 3.86 -16.69 28.65
CA PHE A 418 4.02 -17.37 29.94
C PHE A 418 4.45 -16.48 31.09
N SER A 419 4.81 -15.23 30.85
CA SER A 419 5.24 -14.35 31.95
C SER A 419 4.09 -13.98 32.91
N ALA A 420 4.42 -13.60 34.17
CA ALA A 420 3.45 -13.13 35.15
C ALA A 420 3.04 -11.73 34.74
N LYS A 421 1.75 -11.47 34.61
CA LYS A 421 1.26 -10.20 34.14
C LYS A 421 0.83 -9.25 35.27
N ASP A 422 1.12 -7.97 35.10
CA ASP A 422 0.68 -6.90 35.99
C ASP A 422 1.04 -7.10 37.49
N VAL A 423 2.24 -7.68 37.74
CA VAL A 423 2.79 -7.90 39.08
C VAL A 423 3.79 -6.81 39.48
N ILE A 424 4.39 -6.09 38.53
CA ILE A 424 5.42 -5.08 38.84
C ILE A 424 4.77 -3.80 39.36
N ASN A 425 5.34 -3.22 40.45
CA ASN A 425 4.88 -1.93 40.97
C ASN A 425 5.49 -0.85 40.06
N GLU A 426 4.65 -0.25 39.18
CA GLU A 426 5.09 0.75 38.20
C GLU A 426 5.40 2.15 38.78
N ALA A 427 5.13 2.39 40.09
CA ALA A 427 5.43 3.66 40.78
C ALA A 427 6.88 4.11 40.66
N TRP A 428 7.84 3.16 40.72
CA TRP A 428 9.27 3.44 40.65
C TRP A 428 9.71 4.09 39.33
N PHE A 429 8.98 3.88 38.22
CA PHE A 429 9.32 4.42 36.90
C PHE A 429 8.80 5.82 36.74
N PRO A 430 9.42 6.65 35.86
CA PRO A 430 8.85 7.98 35.56
C PRO A 430 7.42 7.86 35.09
N GLU A 431 6.51 8.77 35.52
CA GLU A 431 5.09 8.63 35.18
C GLU A 431 4.82 8.49 33.69
N ASP A 432 5.49 9.31 32.87
CA ASP A 432 5.30 9.27 31.41
C ASP A 432 5.95 8.05 30.73
N GLN A 433 6.67 7.18 31.47
CA GLN A 433 7.28 5.94 30.98
C GLN A 433 6.51 4.66 31.42
N ARG A 434 5.53 4.77 32.32
CA ARG A 434 4.82 3.59 32.84
C ARG A 434 3.98 2.86 31.79
N VAL A 435 3.16 3.63 31.02
CA VAL A 435 2.33 3.07 29.93
C VAL A 435 3.19 2.28 28.98
N LEU A 436 4.37 2.85 28.64
CA LEU A 436 5.29 2.29 27.64
C LEU A 436 6.10 1.09 28.14
N THR A 437 6.26 0.97 29.48
CA THR A 437 7.02 -0.13 30.07
C THR A 437 6.11 -1.34 30.26
N PRO A 438 6.52 -2.53 29.75
CA PRO A 438 5.68 -3.72 29.91
C PRO A 438 5.59 -4.19 31.35
N ASN A 439 4.48 -4.80 31.74
CA ASN A 439 4.33 -5.31 33.10
C ASN A 439 4.36 -6.82 33.04
N LEU A 440 5.54 -7.32 32.67
CA LEU A 440 5.78 -8.73 32.51
C LEU A 440 7.04 -9.18 33.24
N VAL A 441 6.95 -10.24 34.07
CA VAL A 441 8.13 -10.82 34.72
C VAL A 441 8.25 -12.20 34.11
N ALA A 442 9.41 -12.55 33.50
CA ALA A 442 9.59 -13.83 32.82
C ALA A 442 9.22 -15.06 33.66
N ALA A 443 8.95 -16.18 32.97
CA ALA A 443 8.63 -17.47 33.61
C ALA A 443 8.64 -18.57 32.60
N LEU A 444 9.02 -19.78 33.03
CA LEU A 444 9.03 -20.98 32.19
C LEU A 444 7.59 -21.44 31.84
N PRO A 445 7.36 -22.12 30.70
CA PRO A 445 6.01 -22.63 30.40
C PRO A 445 5.69 -23.84 31.31
N PRO A 446 4.39 -24.10 31.64
CA PRO A 446 4.07 -25.25 32.51
C PRO A 446 3.61 -26.48 31.73
N TRP A 453 -3.06 -24.46 16.39
CA TRP A 453 -2.58 -24.67 17.75
C TRP A 453 -3.06 -23.55 18.69
N GLN A 454 -2.51 -22.32 18.55
CA GLN A 454 -2.86 -21.22 19.45
C GLN A 454 -2.56 -19.84 18.86
N LEU A 455 -3.36 -18.84 19.27
CA LEU A 455 -3.25 -17.45 18.84
C LEU A 455 -2.50 -16.64 19.89
N PHE A 456 -1.32 -16.10 19.54
CA PHE A 456 -0.53 -15.25 20.45
C PHE A 456 -0.50 -13.82 19.93
N CYS A 457 -0.70 -12.81 20.79
CA CYS A 457 -0.62 -11.39 20.43
C CYS A 457 0.27 -10.65 21.44
N ARG A 458 0.95 -9.62 20.96
CA ARG A 458 1.71 -8.74 21.82
C ARG A 458 1.45 -7.32 21.37
N THR A 459 1.55 -6.38 22.31
CA THR A 459 1.36 -4.97 22.04
C THR A 459 2.70 -4.38 21.60
N VAL A 460 2.71 -3.52 20.59
CA VAL A 460 3.93 -2.85 20.16
C VAL A 460 3.63 -1.34 20.22
N TRP A 461 4.32 -0.59 21.12
CA TRP A 461 4.12 0.86 21.20
C TRP A 461 5.09 1.53 20.24
N SER A 462 4.66 2.66 19.67
CA SER A 462 5.54 3.43 18.80
C SER A 462 6.33 4.44 19.61
N ALA A 463 7.18 5.17 18.91
CA ALA A 463 7.89 6.29 19.50
C ALA A 463 6.85 7.41 19.47
N HIS A 464 7.04 8.43 20.27
CA HIS A 464 6.10 9.52 20.24
C HIS A 464 6.31 10.29 18.91
N SER A 465 5.24 10.80 18.29
CA SER A 465 5.39 11.61 17.06
C SER A 465 5.91 12.99 17.49
N GLY A 466 6.16 13.87 16.55
CA GLY A 466 6.56 15.23 16.90
C GLY A 466 5.31 16.08 17.14
N PRO A 467 5.46 17.37 17.47
CA PRO A 467 4.29 18.21 17.66
C PRO A 467 3.72 18.82 16.36
N THR A 468 4.33 18.60 15.17
CA THR A 468 3.81 19.14 13.88
C THR A 468 2.38 18.64 13.69
N ARG A 469 1.42 19.48 13.22
CA ARG A 469 0.01 19.03 13.10
C ARG A 469 -0.20 17.86 12.15
N MET A 470 0.71 17.66 11.20
CA MET A 470 0.68 16.55 10.24
C MET A 470 1.70 15.46 10.62
N ALA A 471 2.21 15.46 11.86
CA ALA A 471 3.17 14.47 12.33
C ALA A 471 2.47 13.15 12.55
N THR A 472 3.19 12.03 12.36
CA THR A 472 2.65 10.69 12.57
C THR A 472 3.60 9.82 13.34
N ALA A 473 3.05 8.80 14.01
CA ALA A 473 3.77 7.79 14.78
C ALA A 473 3.53 6.47 14.08
N ILE A 474 4.54 5.57 14.07
CA ILE A 474 4.43 4.27 13.40
C ILE A 474 4.83 3.15 14.39
N ALA A 475 3.97 2.10 14.50
CA ALA A 475 4.22 0.89 15.30
C ALA A 475 4.27 -0.25 14.26
N ARG A 476 5.39 -1.01 14.22
CA ARG A 476 5.59 -2.08 13.23
C ARG A 476 5.62 -3.47 13.88
N CYS A 477 5.13 -4.52 13.16
CA CYS A 477 5.21 -5.90 13.67
C CYS A 477 6.49 -6.57 13.16
N ALA A 478 6.78 -7.75 13.71
CA ALA A 478 7.91 -8.55 13.26
C ALA A 478 7.56 -9.16 11.88
N PRO A 479 8.54 -9.43 11.02
CA PRO A 479 8.21 -9.96 9.68
C PRO A 479 7.16 -11.09 9.66
N ASP A 480 7.32 -12.11 10.55
CA ASP A 480 6.37 -13.24 10.60
C ASP A 480 4.96 -12.94 11.13
N GLU A 481 4.75 -11.81 11.86
CA GLU A 481 3.49 -11.47 12.54
C GLU A 481 2.44 -10.72 11.71
N GLU A 482 1.15 -10.78 12.14
CA GLU A 482 0.02 -10.08 11.48
C GLU A 482 -0.40 -8.86 12.29
N LEU A 483 -0.76 -7.76 11.61
CA LEU A 483 -1.23 -6.55 12.31
C LEU A 483 -2.71 -6.72 12.34
N LEU A 484 -3.20 -7.11 13.51
CA LEU A 484 -4.58 -7.42 13.73
C LEU A 484 -5.41 -6.22 14.22
N SER A 485 -4.76 -5.17 14.72
CA SER A 485 -5.45 -3.95 15.19
C SER A 485 -4.44 -2.86 15.47
N CYS A 486 -4.94 -1.64 15.44
CA CYS A 486 -4.14 -0.44 15.61
C CYS A 486 -4.92 0.64 16.39
N SER A 487 -4.40 1.09 17.54
CA SER A 487 -5.02 2.19 18.31
C SER A 487 -3.99 3.30 18.49
N SER A 488 -4.44 4.43 19.09
CA SER A 488 -3.60 5.59 19.35
C SER A 488 -3.92 6.25 20.70
N PHE A 489 -2.97 7.05 21.20
CA PHE A 489 -3.04 7.72 22.50
C PHE A 489 -2.14 8.99 22.51
N SER A 490 -2.66 10.05 23.11
CA SER A 490 -2.04 11.37 23.27
C SER A 490 -2.29 11.73 24.72
N ARG A 491 -1.34 12.37 25.42
CA ARG A 491 -1.56 12.77 26.83
C ARG A 491 -2.61 13.92 26.90
N SER A 492 -2.69 14.75 25.83
CA SER A 492 -3.70 15.82 25.66
C SER A 492 -5.00 15.36 25.00
N GLY A 493 -4.99 14.18 24.37
CA GLY A 493 -6.14 13.64 23.64
C GLY A 493 -6.41 14.26 22.28
N LYS A 494 -5.52 15.17 21.79
CA LYS A 494 -5.67 15.82 20.48
C LYS A 494 -5.15 14.85 19.40
N ARG A 495 -6.07 14.01 18.85
CA ARG A 495 -5.76 12.99 17.84
C ARG A 495 -6.71 13.02 16.65
N ARG A 496 -6.19 12.64 15.45
CA ARG A 496 -6.98 12.50 14.22
C ARG A 496 -7.39 11.03 14.05
N GLY A 497 -6.90 10.14 14.90
CA GLY A 497 -7.21 8.73 14.82
C GLY A 497 -6.01 7.95 14.33
N GLU A 498 -6.26 6.82 13.65
CA GLU A 498 -5.17 5.97 13.18
C GLU A 498 -5.53 5.15 11.95
N ARG A 499 -4.52 4.57 11.29
CA ARG A 499 -4.72 3.77 10.06
C ARG A 499 -3.83 2.56 10.00
N MET A 500 -4.42 1.39 9.69
CA MET A 500 -3.64 0.20 9.39
C MET A 500 -3.32 0.27 7.88
N GLU A 501 -2.12 0.75 7.50
CA GLU A 501 -1.78 0.88 6.08
C GLU A 501 -0.53 0.13 5.70
N ALA A 502 -0.46 -0.24 4.42
CA ALA A 502 0.68 -0.98 3.89
C ALA A 502 1.81 -0.04 3.70
N GLN A 503 3.02 -0.46 4.05
CA GLN A 503 4.23 0.34 3.90
C GLN A 503 5.36 -0.66 3.69
N GLY A 504 5.90 -0.68 2.47
CA GLY A 504 6.95 -1.62 2.11
C GLY A 504 6.40 -3.04 2.01
N GLY A 505 5.16 -3.19 1.54
CA GLY A 505 4.52 -4.49 1.40
C GLY A 505 3.98 -5.13 2.68
N LYS A 506 4.19 -4.50 3.86
CA LYS A 506 3.73 -5.01 5.14
C LYS A 506 2.83 -3.97 5.78
N LEU A 507 1.84 -4.42 6.56
CA LEU A 507 0.97 -3.48 7.27
C LEU A 507 1.69 -2.87 8.47
N VAL A 508 1.42 -1.58 8.70
CA VAL A 508 1.93 -0.80 9.83
C VAL A 508 0.75 -0.04 10.42
N CYS A 509 0.86 0.33 11.67
CA CYS A 509 -0.17 1.03 12.42
C CYS A 509 0.30 2.46 12.52
N ARG A 510 -0.28 3.39 11.71
CA ARG A 510 0.15 4.80 11.70
C ARG A 510 -0.83 5.69 12.47
N ALA A 511 -0.40 6.38 13.56
CA ALA A 511 -1.26 7.32 14.33
C ALA A 511 -0.97 8.74 13.85
N HIS A 512 -2.01 9.56 13.65
CA HIS A 512 -1.91 10.94 13.16
C HIS A 512 -2.19 11.95 14.25
N ASN A 513 -1.34 12.96 14.36
CA ASN A 513 -1.49 14.05 15.33
C ASN A 513 -2.57 15.04 14.83
N ALA A 514 -3.20 15.83 15.73
CA ALA A 514 -4.22 16.82 15.36
C ALA A 514 -3.71 18.24 15.44
N PHE A 515 -4.50 19.14 14.88
CA PHE A 515 -4.24 20.56 14.88
C PHE A 515 -4.15 21.04 16.34
N GLY A 516 -2.96 21.44 16.74
CA GLY A 516 -2.68 21.93 18.08
C GLY A 516 -2.27 20.85 19.06
N GLY A 517 -2.08 19.63 18.55
CA GLY A 517 -1.71 18.50 19.39
C GLY A 517 -0.23 18.44 19.67
N GLU A 518 0.11 18.04 20.89
CA GLU A 518 1.48 17.81 21.40
C GLU A 518 2.24 16.66 20.67
N GLY A 519 1.50 15.69 20.11
CA GLY A 519 2.01 14.48 19.48
C GLY A 519 1.17 13.29 19.92
N VAL A 520 1.39 12.12 19.31
CA VAL A 520 0.62 10.90 19.61
C VAL A 520 1.50 9.65 19.56
N TYR A 521 0.98 8.56 20.11
CA TYR A 521 1.57 7.23 20.05
C TYR A 521 0.66 6.34 19.19
N ALA A 522 1.24 5.35 18.48
CA ALA A 522 0.51 4.33 17.71
C ALA A 522 0.73 3.04 18.48
N ILE A 523 -0.32 2.25 18.72
CA ILE A 523 -0.21 1.00 19.49
C ILE A 523 -0.67 -0.16 18.61
N ALA A 524 0.28 -0.92 18.06
CA ALA A 524 -0.05 -2.10 17.25
C ALA A 524 -0.29 -3.31 18.14
N ARG A 525 -1.06 -4.26 17.63
CA ARG A 525 -1.30 -5.55 18.25
C ARG A 525 -0.84 -6.58 17.19
N CYS A 526 0.36 -7.16 17.41
CA CYS A 526 1.07 -8.05 16.49
C CYS A 526 0.90 -9.48 16.92
N CYS A 527 0.31 -10.32 16.05
CA CYS A 527 -0.04 -11.69 16.40
C CYS A 527 0.51 -12.72 15.50
N LEU A 528 0.51 -13.96 16.00
CA LEU A 528 0.93 -15.16 15.28
C LEU A 528 -0.30 -16.04 15.20
N LEU A 529 -0.92 -16.08 14.03
CA LEU A 529 -2.17 -16.77 13.75
C LEU A 529 -1.84 -17.83 12.69
N PRO A 530 -2.01 -19.14 13.04
CA PRO A 530 -1.66 -20.25 12.13
C PRO A 530 -1.78 -20.04 10.60
N GLN A 531 -2.83 -20.52 9.91
CA GLN A 531 -2.90 -20.40 8.45
C GLN A 531 -3.77 -19.20 8.12
N ALA A 532 -3.31 -18.02 8.54
CA ALA A 532 -4.06 -16.78 8.41
C ALA A 532 -3.99 -16.15 7.04
N ASN A 533 -5.13 -15.73 6.53
CA ASN A 533 -5.23 -14.97 5.31
C ASN A 533 -5.93 -13.69 5.72
N CYS A 534 -5.15 -12.70 6.21
CA CYS A 534 -5.66 -11.40 6.65
C CYS A 534 -5.51 -10.29 5.59
N SER A 535 -6.36 -9.27 5.69
CA SER A 535 -6.30 -8.08 4.84
C SER A 535 -7.10 -6.96 5.52
N VAL A 536 -6.74 -5.69 5.31
CA VAL A 536 -7.48 -4.56 5.89
C VAL A 536 -8.38 -4.00 4.78
N HIS A 537 -9.65 -3.78 5.09
CA HIS A 537 -10.62 -3.19 4.15
C HIS A 537 -10.96 -1.80 4.66
N THR A 538 -10.90 -0.80 3.77
CA THR A 538 -11.21 0.57 4.15
C THR A 538 -12.62 0.91 3.78
N ALA A 539 -13.42 1.28 4.79
CA ALA A 539 -14.81 1.76 4.60
C ALA A 539 -14.77 3.34 4.60
N PRO A 540 -15.64 4.04 3.85
CA PRO A 540 -15.58 5.51 3.82
C PRO A 540 -16.35 6.17 4.94
N PRO A 541 -16.18 7.52 5.08
CA PRO A 541 -17.06 8.28 6.01
C PRO A 541 -18.52 8.04 5.64
N ALA A 542 -19.42 7.72 6.59
CA ALA A 542 -20.83 7.44 6.27
C ALA A 542 -21.82 8.39 6.96
N GLU A 543 -22.12 9.54 6.32
CA GLU A 543 -23.05 10.54 6.86
C GLU A 543 -24.46 10.38 6.35
N ALA A 544 -24.70 9.55 5.34
CA ALA A 544 -26.07 9.36 4.86
C ALA A 544 -26.80 8.50 5.90
N SER A 545 -28.08 8.34 5.77
CA SER A 545 -28.84 7.59 6.76
C SER A 545 -28.52 6.07 6.77
N MET A 546 -27.98 5.49 5.67
CA MET A 546 -27.58 4.08 5.62
C MET A 546 -26.09 3.92 5.22
N GLY A 547 -25.63 2.67 5.20
CA GLY A 547 -24.26 2.32 4.85
C GLY A 547 -23.25 2.52 5.95
N THR A 548 -23.71 2.76 7.20
CA THR A 548 -22.85 3.00 8.37
C THR A 548 -22.15 1.76 8.94
N ARG A 549 -22.73 0.57 8.78
CA ARG A 549 -22.18 -0.66 9.35
C ARG A 549 -20.98 -1.20 8.62
N VAL A 550 -19.82 -1.23 9.28
CA VAL A 550 -18.55 -1.74 8.72
C VAL A 550 -18.27 -3.09 9.39
N HIS A 551 -18.10 -4.13 8.58
CA HIS A 551 -17.86 -5.48 9.05
C HIS A 551 -17.12 -6.30 8.00
N CYS A 552 -16.72 -7.55 8.35
CA CYS A 552 -16.06 -8.48 7.43
C CYS A 552 -17.15 -9.30 6.78
N HIS A 553 -17.81 -8.65 5.83
CA HIS A 553 -18.89 -9.16 5.00
C HIS A 553 -18.53 -10.43 4.17
N GLN A 554 -17.26 -10.87 4.13
CA GLN A 554 -16.83 -12.05 3.36
C GLN A 554 -17.00 -13.32 4.19
N GLN A 555 -17.60 -14.39 3.58
CA GLN A 555 -17.79 -15.65 4.32
C GLN A 555 -16.47 -16.27 4.73
N GLY A 556 -16.37 -16.63 6.00
CA GLY A 556 -15.16 -17.20 6.57
C GLY A 556 -14.18 -16.16 7.09
N HIS A 557 -14.38 -14.84 6.79
CA HIS A 557 -13.51 -13.76 7.28
C HIS A 557 -14.15 -13.16 8.49
N VAL A 558 -13.35 -12.97 9.53
CA VAL A 558 -13.79 -12.47 10.82
C VAL A 558 -12.99 -11.21 11.25
N LEU A 559 -13.73 -10.24 11.85
CA LEU A 559 -13.25 -8.93 12.32
C LEU A 559 -12.36 -9.05 13.54
N THR A 560 -11.04 -8.77 13.39
CA THR A 560 -10.05 -8.84 14.49
C THR A 560 -9.73 -7.43 15.10
N GLY A 561 -9.97 -6.34 14.35
CA GLY A 561 -9.73 -4.99 14.85
C GLY A 561 -10.17 -3.89 13.91
N CYS A 562 -10.52 -2.71 14.50
CA CYS A 562 -11.00 -1.50 13.81
C CYS A 562 -10.08 -0.32 14.12
N SER A 563 -9.86 0.51 13.10
CA SER A 563 -9.12 1.77 13.22
C SER A 563 -10.03 2.83 12.63
N SER A 564 -9.99 4.03 13.16
CA SER A 564 -10.83 5.14 12.72
C SER A 564 -9.90 6.33 12.43
N HIS A 565 -10.06 6.98 11.27
CA HIS A 565 -9.27 8.16 10.93
C HIS A 565 -10.22 9.32 10.58
N TRP A 566 -10.16 10.42 11.34
CA TRP A 566 -11.01 11.62 11.14
C TRP A 566 -10.76 12.27 9.78
N GLU A 567 -11.84 12.38 8.98
CA GLU A 567 -11.78 12.79 7.58
C GLU A 567 -12.25 14.23 7.25
N VAL A 568 -12.45 15.10 8.25
CA VAL A 568 -12.81 16.50 8.02
C VAL A 568 -11.53 17.34 8.07
N GLU A 569 -11.38 18.29 7.13
CA GLU A 569 -10.18 19.15 7.04
C GLU A 569 -10.11 20.12 8.21
N ASP A 570 -8.87 20.43 8.66
CA ASP A 570 -8.64 21.34 9.78
C ASP A 570 -9.14 22.79 9.50
N LEU A 571 -9.24 23.22 8.22
CA LEU A 571 -9.79 24.54 7.85
C LEU A 571 -11.32 24.53 7.66
N GLY A 572 -11.92 23.34 7.58
CA GLY A 572 -13.37 23.19 7.47
C GLY A 572 -14.09 23.47 8.78
N THR A 573 -15.38 23.88 8.70
CA THR A 573 -16.21 24.21 9.87
C THR A 573 -16.41 22.99 10.79
N HIS A 574 -15.79 23.03 12.00
CA HIS A 574 -15.91 21.94 12.96
C HIS A 574 -17.29 21.89 13.61
N LYS A 575 -17.83 20.69 13.74
CA LYS A 575 -19.16 20.40 14.28
C LYS A 575 -19.01 19.12 15.16
N PRO A 576 -19.79 18.93 16.25
CA PRO A 576 -19.52 17.77 17.10
C PRO A 576 -19.71 16.43 16.37
N PRO A 577 -18.69 15.53 16.40
CA PRO A 577 -18.82 14.23 15.74
C PRO A 577 -20.06 13.44 16.15
N VAL A 578 -20.62 12.68 15.19
CA VAL A 578 -21.82 11.86 15.37
C VAL A 578 -21.41 10.39 15.25
N LEU A 579 -21.81 9.54 16.22
CA LEU A 579 -21.48 8.11 16.19
C LEU A 579 -22.35 7.36 15.21
N ARG A 580 -21.75 6.34 14.57
CA ARG A 580 -22.47 5.46 13.63
C ARG A 580 -23.32 4.57 14.51
N PRO A 581 -24.62 4.32 14.19
CA PRO A 581 -25.44 3.47 15.09
C PRO A 581 -24.93 2.06 15.29
N ARG A 582 -25.51 1.37 16.29
CA ARG A 582 -25.14 -0.01 16.58
C ARG A 582 -26.37 -0.92 16.47
N GLY A 583 -26.27 -1.88 15.56
CA GLY A 583 -27.26 -2.93 15.34
C GLY A 583 -26.61 -4.25 15.69
N GLN A 584 -25.92 -4.86 14.69
CA GLN A 584 -25.16 -6.11 14.87
C GLN A 584 -24.05 -5.87 15.89
N PRO A 585 -23.62 -6.91 16.64
CA PRO A 585 -22.56 -6.67 17.66
C PRO A 585 -21.12 -6.69 17.14
N ASN A 586 -20.93 -7.36 15.98
CA ASN A 586 -19.63 -7.62 15.36
C ASN A 586 -19.34 -6.68 14.18
N GLN A 587 -19.52 -5.38 14.43
CA GLN A 587 -19.24 -4.31 13.48
C GLN A 587 -18.32 -3.29 14.14
N CYS A 588 -17.60 -2.51 13.35
CA CYS A 588 -16.78 -1.45 13.91
C CYS A 588 -17.63 -0.38 14.54
N VAL A 589 -17.03 0.27 15.47
CA VAL A 589 -17.59 1.32 16.28
C VAL A 589 -16.82 2.57 15.79
N GLY A 590 -17.49 3.70 15.62
CA GLY A 590 -16.82 4.90 15.14
C GLY A 590 -17.71 6.05 14.76
N HIS A 591 -17.12 7.18 14.35
CA HIS A 591 -17.92 8.32 13.92
C HIS A 591 -18.26 8.25 12.44
N ARG A 592 -19.42 8.81 12.08
CA ARG A 592 -19.89 8.89 10.71
C ARG A 592 -18.91 9.69 9.83
N GLU A 593 -18.23 10.67 10.43
CA GLU A 593 -17.28 11.54 9.72
C GLU A 593 -15.91 10.90 9.52
N ALA A 594 -15.67 9.65 9.95
CA ALA A 594 -14.38 9.01 9.82
C ALA A 594 -14.38 7.87 8.84
N SER A 595 -13.21 7.60 8.26
CA SER A 595 -12.99 6.41 7.44
C SER A 595 -12.70 5.31 8.48
N ILE A 596 -13.06 4.06 8.20
CA ILE A 596 -12.86 2.95 9.16
C ILE A 596 -12.01 1.91 8.44
N HIS A 597 -10.97 1.40 9.08
CA HIS A 597 -10.14 0.36 8.48
C HIS A 597 -10.37 -0.90 9.26
N ALA A 598 -10.96 -1.92 8.62
CA ALA A 598 -11.30 -3.19 9.27
C ALA A 598 -10.28 -4.30 8.98
N SER A 599 -9.73 -4.97 10.00
CA SER A 599 -8.85 -6.13 9.83
C SER A 599 -9.74 -7.38 9.76
N CYS A 600 -9.74 -8.07 8.59
CA CYS A 600 -10.53 -9.26 8.30
C CYS A 600 -9.62 -10.44 8.06
N CYS A 601 -9.68 -11.43 8.92
CA CYS A 601 -8.84 -12.62 8.86
C CYS A 601 -9.64 -13.84 8.52
N HIS A 602 -9.08 -14.70 7.71
CA HIS A 602 -9.65 -15.97 7.38
C HIS A 602 -8.64 -17.00 7.82
N ALA A 603 -8.91 -17.67 8.93
CA ALA A 603 -8.06 -18.73 9.46
C ALA A 603 -8.97 -19.94 9.83
N PRO A 604 -8.48 -21.23 9.65
CA PRO A 604 -9.36 -22.41 9.85
C PRO A 604 -10.29 -22.42 11.07
N GLY A 605 -9.75 -22.43 12.29
CA GLY A 605 -10.59 -22.44 13.49
C GLY A 605 -10.68 -21.12 14.21
N LEU A 606 -10.55 -20.00 13.49
CA LEU A 606 -10.54 -18.70 14.13
C LEU A 606 -11.93 -18.34 14.52
N GLU A 607 -12.10 -17.97 15.78
CA GLU A 607 -13.38 -17.56 16.36
C GLU A 607 -13.09 -16.27 17.14
N CYS A 608 -13.86 -15.24 16.88
CA CYS A 608 -13.61 -13.92 17.41
C CYS A 608 -14.91 -13.28 17.97
N LYS A 609 -14.86 -12.53 19.08
CA LYS A 609 -16.09 -11.91 19.66
C LYS A 609 -15.85 -10.50 20.20
N VAL A 610 -16.89 -9.69 20.35
CA VAL A 610 -16.76 -8.33 20.89
C VAL A 610 -17.23 -8.26 22.36
N LYS A 611 -16.51 -7.52 23.22
CA LYS A 611 -16.88 -7.29 24.62
C LYS A 611 -16.90 -5.80 24.87
N GLU A 612 -17.77 -5.30 25.74
CA GLU A 612 -17.79 -3.88 26.08
C GLU A 612 -17.95 -3.67 27.56
N HIS A 613 -17.64 -2.46 28.02
CA HIS A 613 -17.84 -2.07 29.41
C HIS A 613 -17.70 -0.55 29.52
N GLY A 614 -18.79 0.10 29.93
CA GLY A 614 -18.84 1.54 30.10
C GLY A 614 -19.21 2.00 31.49
N ILE A 615 -18.69 3.17 31.88
CA ILE A 615 -18.91 3.83 33.17
C ILE A 615 -19.41 5.23 32.81
N PRO A 616 -20.35 5.86 33.55
CA PRO A 616 -20.86 7.18 33.12
C PRO A 616 -19.88 8.34 33.22
N ALA A 617 -19.27 8.54 34.39
CA ALA A 617 -18.29 9.61 34.61
C ALA A 617 -17.05 8.93 35.18
N PRO A 618 -16.20 8.35 34.32
CA PRO A 618 -15.06 7.59 34.86
C PRO A 618 -13.96 8.43 35.44
N GLN A 619 -13.22 7.80 36.34
CA GLN A 619 -12.08 8.40 36.99
C GLN A 619 -10.84 7.74 36.36
N GLU A 620 -10.10 8.53 35.55
CA GLU A 620 -8.88 8.15 34.83
C GLU A 620 -9.06 7.08 33.72
N GLN A 621 -9.77 5.96 33.97
CA GLN A 621 -9.91 4.95 32.94
C GLN A 621 -11.12 4.01 33.05
N VAL A 622 -11.36 3.29 31.93
CA VAL A 622 -12.39 2.29 31.75
C VAL A 622 -11.67 1.07 31.17
N THR A 623 -12.06 -0.11 31.61
CA THR A 623 -11.41 -1.38 31.26
C THR A 623 -12.41 -2.51 30.91
N VAL A 624 -11.97 -3.42 30.04
CA VAL A 624 -12.72 -4.64 29.66
C VAL A 624 -11.64 -5.67 29.31
N ALA A 625 -11.79 -6.96 29.70
CA ALA A 625 -10.73 -7.97 29.50
C ALA A 625 -11.23 -9.27 28.92
N CYS A 626 -10.41 -9.92 28.05
CA CYS A 626 -10.78 -11.22 27.48
C CYS A 626 -10.59 -12.27 28.56
N GLU A 627 -11.48 -13.29 28.58
CA GLU A 627 -11.42 -14.36 29.57
C GLU A 627 -10.27 -15.30 29.29
N GLU A 628 -10.03 -16.21 30.24
CA GLU A 628 -9.02 -17.25 30.11
C GLU A 628 -9.40 -18.07 28.88
N GLY A 629 -8.43 -18.25 27.99
CA GLY A 629 -8.63 -18.97 26.76
C GLY A 629 -8.80 -18.07 25.58
N TRP A 630 -9.06 -16.76 25.80
CA TRP A 630 -9.22 -15.78 24.73
C TRP A 630 -8.03 -14.81 24.71
N THR A 631 -7.68 -14.33 23.51
CA THR A 631 -6.58 -13.37 23.28
C THR A 631 -7.13 -12.04 22.75
N LEU A 632 -6.84 -10.92 23.45
CA LEU A 632 -7.24 -9.58 23.00
C LEU A 632 -6.55 -9.30 21.69
N THR A 633 -7.35 -9.04 20.66
CA THR A 633 -6.86 -8.74 19.34
C THR A 633 -7.08 -7.25 19.00
N GLY A 634 -8.22 -6.69 19.34
CA GLY A 634 -8.48 -5.27 19.12
C GLY A 634 -9.00 -4.58 20.36
N CYS A 635 -8.67 -3.27 20.52
CA CYS A 635 -9.11 -2.41 21.62
C CYS A 635 -9.47 -0.96 21.08
N SER A 636 -10.77 -0.57 21.17
CA SER A 636 -11.27 0.73 20.70
C SER A 636 -11.98 1.46 21.84
N ALA A 637 -12.14 2.77 21.71
CA ALA A 637 -12.79 3.63 22.72
C ALA A 637 -14.08 4.24 22.21
N LEU A 638 -14.88 4.73 23.14
CA LEU A 638 -16.14 5.38 22.81
C LEU A 638 -16.43 6.36 23.95
N PRO A 639 -16.88 7.62 23.74
CA PRO A 639 -17.07 8.33 22.47
C PRO A 639 -15.70 8.91 22.04
N GLY A 640 -15.67 9.99 21.28
CA GLY A 640 -14.40 10.54 20.80
C GLY A 640 -13.58 11.40 21.74
N THR A 641 -12.69 12.18 21.12
CA THR A 641 -11.78 13.16 21.71
C THR A 641 -12.36 14.00 22.87
N SER A 642 -13.64 14.39 22.82
CA SER A 642 -14.34 15.15 23.86
C SER A 642 -14.18 14.56 25.27
N HIS A 643 -14.22 13.22 25.40
CA HIS A 643 -14.14 12.52 26.68
C HIS A 643 -12.95 11.59 26.81
N VAL A 644 -12.12 11.40 25.76
CA VAL A 644 -11.10 10.36 25.74
C VAL A 644 -9.74 10.85 25.30
N LEU A 645 -8.68 10.31 25.92
CA LEU A 645 -7.28 10.58 25.56
C LEU A 645 -6.74 9.55 24.54
N GLY A 646 -7.33 8.35 24.57
CA GLY A 646 -7.01 7.26 23.66
C GLY A 646 -7.32 5.90 24.26
N ALA A 647 -6.83 4.86 23.64
CA ALA A 647 -7.06 3.50 24.10
C ALA A 647 -5.86 2.65 23.78
N TYR A 648 -5.58 1.63 24.60
CA TYR A 648 -4.48 0.72 24.30
C TYR A 648 -4.63 -0.65 24.98
N ALA A 649 -4.06 -1.70 24.35
CA ALA A 649 -4.07 -3.06 24.89
C ALA A 649 -2.99 -3.12 25.99
N VAL A 650 -3.29 -3.87 27.06
CA VAL A 650 -2.40 -4.13 28.20
C VAL A 650 -2.60 -5.63 28.48
N ASP A 651 -1.75 -6.46 27.86
CA ASP A 651 -1.90 -7.91 27.88
C ASP A 651 -3.29 -8.23 27.30
N ASN A 652 -4.28 -8.78 28.05
CA ASN A 652 -5.60 -9.09 27.46
C ASN A 652 -6.67 -8.11 27.96
N THR A 653 -6.25 -6.90 28.36
CA THR A 653 -7.16 -5.87 28.80
C THR A 653 -7.07 -4.67 27.88
N CYS A 654 -8.23 -4.25 27.44
CA CYS A 654 -8.39 -3.06 26.65
C CYS A 654 -8.57 -1.89 27.64
N VAL A 655 -7.68 -0.90 27.61
CA VAL A 655 -7.72 0.25 28.51
C VAL A 655 -8.08 1.49 27.72
N VAL A 656 -9.05 2.26 28.20
CA VAL A 656 -9.46 3.51 27.57
C VAL A 656 -9.15 4.58 28.61
N ARG A 657 -8.30 5.55 28.24
CA ARG A 657 -7.96 6.62 29.17
C ARG A 657 -8.92 7.81 28.97
N SER A 658 -9.83 8.01 29.95
CA SER A 658 -10.80 9.11 29.96
C SER A 658 -10.19 10.42 30.49
N ARG A 659 -10.93 11.53 30.29
CA ARG A 659 -10.61 12.87 30.77
C ARG A 659 -11.41 13.08 32.07
N ASP A 660 -11.18 14.19 32.75
CA ASP A 660 -11.93 14.52 33.95
C ASP A 660 -13.23 15.21 33.55
N ALA A 671 -20.58 8.70 29.45
CA ALA A 671 -20.65 7.28 29.15
C ALA A 671 -19.41 6.79 28.34
N VAL A 672 -18.22 6.75 29.01
CA VAL A 672 -16.97 6.28 28.39
C VAL A 672 -16.99 4.74 28.36
N THR A 673 -16.79 4.12 27.20
CA THR A 673 -16.85 2.66 27.00
C THR A 673 -15.56 2.14 26.41
N ALA A 674 -15.20 0.90 26.78
CA ALA A 674 -14.03 0.19 26.25
C ALA A 674 -14.58 -0.96 25.43
N VAL A 675 -14.30 -0.97 24.12
CA VAL A 675 -14.75 -2.01 23.19
C VAL A 675 -13.54 -2.85 22.85
N ALA A 676 -13.61 -4.15 23.09
CA ALA A 676 -12.52 -5.08 22.85
C ALA A 676 -12.95 -6.20 21.90
N ILE A 677 -12.09 -6.62 20.97
CA ILE A 677 -12.36 -7.81 20.14
C ILE A 677 -11.42 -8.88 20.73
N CYS A 678 -12.01 -10.03 21.12
CA CYS A 678 -11.33 -11.17 21.75
C CYS A 678 -11.34 -12.28 20.77
N CYS A 679 -10.22 -12.85 20.52
CA CYS A 679 -10.11 -13.83 19.48
C CYS A 679 -9.50 -15.11 20.00
N ARG A 680 -9.70 -16.24 19.30
CA ARG A 680 -9.14 -17.52 19.72
C ARG A 680 -9.12 -18.52 18.59
N SER A 681 -8.19 -19.50 18.66
CA SER A 681 -8.10 -20.54 17.63
C SER A 681 -8.61 -21.90 18.08
N ARG A 682 -9.12 -22.67 17.11
CA ARG A 682 -9.69 -24.01 17.26
C ARG A 682 -10.79 -24.05 18.31
N TRP B 2 15.11 -17.56 45.34
CA TRP B 2 13.85 -16.89 45.01
C TRP B 2 13.67 -16.76 43.51
N ASN B 3 14.79 -16.42 42.82
CA ASN B 3 14.83 -16.24 41.38
C ASN B 3 14.36 -17.47 40.60
N LEU B 4 14.78 -18.67 41.00
CA LEU B 4 14.41 -19.91 40.32
C LEU B 4 12.97 -20.32 40.62
N LYS B 5 12.49 -19.92 41.82
CA LYS B 5 11.12 -20.18 42.22
C LYS B 5 10.24 -19.23 41.44
N ILE B 7 10.60 -17.95 38.40
CA ILE B 7 10.42 -18.33 37.01
C ILE B 7 9.76 -19.73 36.88
N LEU B 9 10.77 -22.75 38.24
CA LEU B 9 11.74 -23.86 38.10
C LEU B 9 11.72 -24.72 39.39
N LEU B 10 11.59 -24.10 40.58
CA LEU B 10 11.52 -24.83 41.86
C LEU B 10 10.16 -24.55 42.50
N ARG B 11 9.69 -25.48 43.36
CA ARG B 11 8.46 -25.33 44.13
C ARG B 11 8.81 -24.85 45.53
N GLN C 1 -36.19 10.82 -14.83
CA GLN C 1 -36.18 12.13 -14.20
C GLN C 1 -35.06 12.29 -13.16
N VAL C 2 -34.56 11.18 -12.54
CA VAL C 2 -33.37 11.25 -11.67
C VAL C 2 -32.18 11.34 -12.64
N GLN C 3 -31.38 12.45 -12.64
CA GLN C 3 -30.26 12.56 -13.60
C GLN C 3 -29.14 13.52 -13.23
N LEU C 4 -27.96 13.32 -13.85
CA LEU C 4 -26.76 14.13 -13.62
C LEU C 4 -26.26 14.79 -14.95
N LYS C 5 -26.42 16.12 -15.10
CA LYS C 5 -26.00 16.84 -16.31
C LYS C 5 -24.61 17.45 -16.11
N GLN C 6 -23.61 16.93 -16.82
CA GLN C 6 -22.25 17.41 -16.72
C GLN C 6 -21.93 18.54 -17.67
N SER C 7 -20.94 19.36 -17.29
CA SER C 7 -20.47 20.50 -18.06
C SER C 7 -19.77 20.04 -19.36
N GLY C 8 -19.75 20.92 -20.35
CA GLY C 8 -19.18 20.63 -21.66
C GLY C 8 -17.68 20.43 -21.66
N ALA C 9 -17.15 19.83 -22.76
CA ALA C 9 -15.73 19.51 -22.92
C ALA C 9 -14.82 20.73 -22.75
N GLU C 10 -13.57 20.49 -22.27
CA GLU C 10 -12.60 21.55 -21.99
C GLU C 10 -11.28 21.31 -22.68
N LEU C 11 -10.61 22.43 -22.95
CA LEU C 11 -9.25 22.51 -23.48
C LEU C 11 -8.53 23.47 -22.50
N VAL C 12 -7.36 23.07 -22.00
CA VAL C 12 -6.62 23.89 -21.08
C VAL C 12 -5.12 23.74 -21.29
N ARG C 13 -4.37 24.83 -21.02
CA ARG C 13 -2.92 24.84 -21.20
C ARG C 13 -2.24 24.06 -20.07
N PRO C 14 -1.13 23.33 -20.32
CA PRO C 14 -0.44 22.64 -19.20
C PRO C 14 -0.07 23.62 -18.06
N GLY C 15 -0.27 23.19 -16.82
CA GLY C 15 -0.07 24.04 -15.65
C GLY C 15 -1.32 24.81 -15.23
N ALA C 16 -2.37 24.88 -16.08
CA ALA C 16 -3.63 25.57 -15.72
C ALA C 16 -4.57 24.64 -14.94
N SER C 17 -5.71 25.19 -14.47
CA SER C 17 -6.73 24.45 -13.73
C SER C 17 -8.10 24.51 -14.42
N VAL C 18 -8.98 23.51 -14.17
CA VAL C 18 -10.37 23.47 -14.70
C VAL C 18 -11.30 23.18 -13.55
N LYS C 19 -12.55 23.65 -13.67
CA LYS C 19 -13.58 23.37 -12.70
C LYS C 19 -14.73 22.72 -13.47
N LEU C 20 -14.81 21.38 -13.39
CA LEU C 20 -15.87 20.59 -14.03
C LEU C 20 -17.10 20.63 -13.12
N SER C 21 -18.34 20.60 -13.65
CA SER C 21 -19.55 20.62 -12.82
C SER C 21 -20.47 19.43 -13.17
N CYS C 22 -21.39 19.10 -12.25
CA CYS C 22 -22.26 17.92 -12.35
C CYS C 22 -23.62 18.31 -11.75
N LYS C 23 -24.58 18.71 -12.61
CA LYS C 23 -25.89 19.19 -12.14
C LYS C 23 -26.89 18.07 -11.87
N ALA C 24 -27.38 18.01 -10.61
CA ALA C 24 -28.29 16.95 -10.16
C ALA C 24 -29.73 17.39 -10.11
N SER C 25 -30.65 16.49 -10.52
CA SER C 25 -32.08 16.77 -10.53
C SER C 25 -32.93 15.50 -10.36
N GLY C 26 -34.19 15.68 -10.00
CA GLY C 26 -35.15 14.59 -9.84
C GLY C 26 -35.08 13.81 -8.54
N TYR C 27 -34.26 14.28 -7.58
CA TYR C 27 -34.05 13.62 -6.29
C TYR C 27 -33.54 14.69 -5.25
N ILE C 28 -33.49 14.33 -3.95
CA ILE C 28 -33.02 15.25 -2.92
C ILE C 28 -31.49 15.33 -2.98
N PHE C 29 -30.97 16.42 -3.56
CA PHE C 29 -29.54 16.68 -3.73
C PHE C 29 -28.67 16.34 -2.50
N THR C 30 -29.03 16.88 -1.33
CA THR C 30 -28.28 16.72 -0.08
C THR C 30 -28.18 15.32 0.50
N ASP C 31 -29.10 14.41 0.12
CA ASP C 31 -29.21 13.06 0.70
C ASP C 31 -28.34 11.95 0.08
N TYR C 32 -27.64 12.21 -1.04
CA TYR C 32 -26.86 11.17 -1.73
C TYR C 32 -25.43 11.59 -1.97
N TYR C 33 -24.49 10.62 -1.87
CA TYR C 33 -23.08 10.87 -2.16
C TYR C 33 -22.91 10.95 -3.70
N ILE C 34 -22.04 11.88 -4.18
CA ILE C 34 -21.74 12.06 -5.61
C ILE C 34 -20.22 11.79 -5.75
N ASN C 35 -19.83 11.02 -6.76
CA ASN C 35 -18.42 10.65 -6.99
C ASN C 35 -17.93 11.15 -8.32
N TRP C 36 -16.60 11.32 -8.45
CA TRP C 36 -15.92 11.69 -9.69
C TRP C 36 -14.95 10.57 -10.05
N LEU C 37 -14.91 10.20 -11.33
CA LEU C 37 -14.06 9.12 -11.81
C LEU C 37 -13.35 9.55 -13.11
N LYS C 38 -12.13 9.02 -13.32
CA LYS C 38 -11.30 9.37 -14.47
C LYS C 38 -11.28 8.18 -15.42
N LYS C 39 -11.50 8.42 -16.73
CA LYS C 39 -11.41 7.38 -17.76
C LYS C 39 -10.42 7.80 -18.86
N ARG C 40 -9.26 7.13 -18.95
CA ARG C 40 -8.30 7.35 -20.04
C ARG C 40 -8.60 6.27 -21.10
N PRO C 41 -8.14 6.46 -22.37
CA PRO C 41 -8.50 5.53 -23.45
C PRO C 41 -8.35 4.01 -23.23
N GLY C 42 -7.15 3.53 -22.95
CA GLY C 42 -6.94 2.09 -22.78
C GLY C 42 -7.15 1.57 -21.37
N GLN C 43 -7.18 2.48 -20.38
CA GLN C 43 -7.27 2.12 -18.96
C GLN C 43 -8.68 1.90 -18.44
N GLY C 44 -8.76 1.31 -17.27
CA GLY C 44 -10.01 1.12 -16.54
C GLY C 44 -10.27 2.35 -15.68
N LEU C 45 -11.55 2.66 -15.43
CA LEU C 45 -11.96 3.82 -14.62
C LEU C 45 -11.16 3.93 -13.30
N GLU C 46 -10.79 5.16 -12.91
CA GLU C 46 -10.11 5.40 -11.62
C GLU C 46 -11.04 6.20 -10.76
N TRP C 47 -11.23 5.78 -9.52
CA TRP C 47 -12.07 6.54 -8.62
C TRP C 47 -11.25 7.76 -8.09
N ILE C 48 -11.76 9.00 -8.25
CA ILE C 48 -11.06 10.20 -7.78
C ILE C 48 -11.49 10.54 -6.34
N ALA C 49 -12.74 10.97 -6.16
CA ALA C 49 -13.20 11.34 -4.81
C ALA C 49 -14.71 11.29 -4.68
N ARG C 50 -15.22 11.53 -3.45
CA ARG C 50 -16.66 11.62 -3.18
C ARG C 50 -16.99 12.76 -2.21
N ILE C 51 -18.22 13.25 -2.26
CA ILE C 51 -18.67 14.34 -1.41
C ILE C 51 -20.11 14.13 -0.99
N TYR C 52 -20.46 14.44 0.27
CA TYR C 52 -21.85 14.38 0.73
C TYR C 52 -22.35 15.82 0.59
N PRO C 53 -23.26 16.16 -0.35
CA PRO C 53 -23.65 17.57 -0.50
C PRO C 53 -24.33 18.15 0.73
N GLY C 54 -25.03 17.30 1.51
CA GLY C 54 -25.66 17.72 2.75
C GLY C 54 -24.73 18.44 3.72
N SER C 55 -23.45 18.02 3.76
CA SER C 55 -22.40 18.60 4.62
C SER C 55 -21.16 19.13 3.87
N GLY C 56 -21.00 18.82 2.60
CA GLY C 56 -19.85 19.21 1.82
C GLY C 56 -18.55 18.55 2.22
N HIS C 57 -18.62 17.46 3.03
CA HIS C 57 -17.44 16.73 3.50
C HIS C 57 -16.95 15.82 2.36
N THR C 58 -15.63 15.85 2.11
CA THR C 58 -14.99 15.09 1.04
C THR C 58 -14.14 13.91 1.55
N TYR C 59 -13.84 12.99 0.61
CA TYR C 59 -13.04 11.79 0.86
C TYR C 59 -12.44 11.46 -0.52
N TYR C 60 -11.08 11.48 -0.61
CA TYR C 60 -10.35 11.33 -1.86
C TYR C 60 -9.49 10.11 -1.88
N ASN C 61 -9.19 9.68 -3.12
CA ASN C 61 -8.21 8.66 -3.39
C ASN C 61 -6.89 9.39 -3.14
N GLU C 62 -5.96 8.83 -2.31
CA GLU C 62 -4.68 9.46 -1.96
C GLU C 62 -3.92 9.92 -3.21
N ASN C 63 -4.05 9.18 -4.32
CA ASN C 63 -3.40 9.48 -5.58
C ASN C 63 -3.89 10.79 -6.21
N PHE C 64 -5.10 11.28 -5.86
CA PHE C 64 -5.66 12.51 -6.40
C PHE C 64 -5.83 13.58 -5.33
N LYS C 65 -5.35 13.35 -4.08
CA LYS C 65 -5.50 14.29 -2.95
C LYS C 65 -5.05 15.72 -3.29
N ASP C 66 -3.91 15.84 -3.99
CA ASP C 66 -3.38 17.13 -4.42
C ASP C 66 -4.08 17.67 -5.70
N LYS C 67 -4.25 16.82 -6.74
CA LYS C 67 -4.90 17.23 -8.01
C LYS C 67 -6.31 17.77 -7.83
N ALA C 68 -7.21 16.93 -7.26
CA ALA C 68 -8.65 17.19 -7.15
C ALA C 68 -9.09 17.92 -5.91
N THR C 69 -10.22 18.66 -6.06
CA THR C 69 -10.86 19.44 -4.99
C THR C 69 -12.39 19.43 -5.22
N LEU C 70 -13.13 18.65 -4.45
CA LEU C 70 -14.58 18.56 -4.64
C LEU C 70 -15.27 19.67 -3.86
N THR C 71 -16.50 20.05 -4.29
CA THR C 71 -17.33 21.11 -3.66
C THR C 71 -18.79 20.96 -4.09
N ALA C 72 -19.73 21.29 -3.20
CA ALA C 72 -21.17 21.21 -3.45
C ALA C 72 -21.80 22.57 -3.23
N GLU C 73 -22.82 22.92 -4.05
CA GLU C 73 -23.55 24.17 -3.95
C GLU C 73 -25.04 23.85 -3.94
N LYS C 74 -25.59 23.70 -2.71
CA LYS C 74 -27.01 23.36 -2.46
C LYS C 74 -27.97 24.24 -3.26
N SER C 75 -27.69 25.56 -3.39
CA SER C 75 -28.58 26.44 -4.14
C SER C 75 -28.68 26.00 -5.62
N SER C 76 -27.52 25.97 -6.30
CA SER C 76 -27.38 25.55 -7.70
C SER C 76 -27.77 24.08 -7.93
N SER C 77 -27.71 23.24 -6.86
CA SER C 77 -28.04 21.81 -6.89
C SER C 77 -27.00 21.08 -7.75
N ASN C 78 -25.71 21.45 -7.58
CA ASN C 78 -24.67 20.80 -8.35
C ASN C 78 -23.31 20.77 -7.62
N VAL C 79 -22.55 19.71 -7.93
CA VAL C 79 -21.25 19.39 -7.36
C VAL C 79 -20.20 19.79 -8.39
N TYR C 80 -19.02 20.17 -7.91
CA TYR C 80 -17.91 20.62 -8.73
C TYR C 80 -16.67 19.85 -8.39
N MET C 81 -15.77 19.71 -9.36
CA MET C 81 -14.45 19.13 -9.18
C MET C 81 -13.45 20.04 -9.89
N GLN C 82 -12.48 20.58 -9.13
CA GLN C 82 -11.45 21.40 -9.68
C GLN C 82 -10.17 20.60 -9.73
N LEU C 83 -9.53 20.52 -10.91
CA LEU C 83 -8.27 19.79 -11.09
C LEU C 83 -7.23 20.87 -11.28
N SER C 84 -6.09 20.84 -10.55
CA SER C 84 -5.05 21.88 -10.62
C SER C 84 -3.75 21.40 -11.29
N SER C 85 -2.85 22.34 -11.71
CA SER C 85 -1.54 22.03 -12.30
C SER C 85 -1.60 20.91 -13.35
N LEU C 86 -2.52 21.06 -14.30
CA LEU C 86 -2.79 20.03 -15.29
C LEU C 86 -1.61 19.68 -16.17
N THR C 87 -1.55 18.41 -16.61
CA THR C 87 -0.51 17.88 -17.50
C THR C 87 -1.18 16.96 -18.55
N SER C 88 -0.41 16.44 -19.52
CA SER C 88 -1.00 15.56 -20.56
C SER C 88 -1.49 14.22 -19.99
N GLU C 89 -1.08 13.84 -18.75
CA GLU C 89 -1.59 12.63 -18.08
C GLU C 89 -3.02 12.86 -17.56
N ASP C 90 -3.48 14.13 -17.43
CA ASP C 90 -4.83 14.47 -16.97
C ASP C 90 -5.80 14.62 -18.12
N SER C 91 -5.34 14.46 -19.38
CA SER C 91 -6.23 14.51 -20.53
C SER C 91 -6.98 13.19 -20.42
N ALA C 92 -8.29 13.28 -20.11
CA ALA C 92 -9.11 12.09 -19.94
C ALA C 92 -10.59 12.51 -20.01
N VAL C 93 -11.51 11.55 -19.88
CA VAL C 93 -12.95 11.83 -19.77
C VAL C 93 -13.35 11.64 -18.30
N TYR C 94 -13.93 12.67 -17.70
CA TYR C 94 -14.32 12.64 -16.30
C TYR C 94 -15.81 12.41 -16.15
N PHE C 95 -16.21 11.45 -15.32
CA PHE C 95 -17.60 11.10 -15.06
C PHE C 95 -18.00 11.38 -13.65
N CYS C 96 -19.25 11.81 -13.40
CA CYS C 96 -19.77 11.92 -12.04
C CYS C 96 -20.82 10.85 -11.88
N ALA C 97 -20.97 10.30 -10.65
CA ALA C 97 -21.93 9.21 -10.41
C ALA C 97 -22.48 9.30 -9.01
N ARG C 98 -23.72 8.82 -8.82
CA ARG C 98 -24.41 8.87 -7.53
C ARG C 98 -24.41 7.49 -6.88
N GLU C 99 -24.20 7.44 -5.55
CA GLU C 99 -24.28 6.18 -4.81
C GLU C 99 -25.68 6.07 -4.26
N ASN C 100 -26.31 4.91 -4.39
CA ASN C 100 -27.62 4.69 -3.83
C ASN C 100 -27.49 3.52 -2.87
N PHE C 101 -27.71 3.76 -1.55
CA PHE C 101 -27.70 2.71 -0.52
C PHE C 101 -29.08 2.06 -0.38
N TYR C 102 -29.07 0.76 -0.11
CA TYR C 102 -30.28 -0.02 0.15
C TYR C 102 -30.19 -0.76 1.50
N GLY C 103 -29.10 -0.58 2.24
CA GLY C 103 -28.92 -1.25 3.52
C GLY C 103 -27.98 -0.57 4.48
N SER C 104 -27.89 -1.14 5.69
CA SER C 104 -27.04 -0.58 6.74
C SER C 104 -25.54 -0.90 6.47
N SER C 105 -25.26 -2.00 5.73
CA SER C 105 -23.90 -2.37 5.43
C SER C 105 -23.24 -1.34 4.54
N TYR C 106 -21.94 -1.18 4.72
CA TYR C 106 -21.15 -0.28 3.92
C TYR C 106 -21.00 -0.85 2.46
N VAL C 107 -21.43 -2.11 2.22
CA VAL C 107 -21.42 -2.75 0.89
C VAL C 107 -22.85 -2.93 0.32
N ASP C 108 -23.87 -2.20 0.88
CA ASP C 108 -25.28 -2.27 0.45
C ASP C 108 -25.61 -1.01 -0.34
N TRP C 109 -24.96 -0.85 -1.48
CA TRP C 109 -25.15 0.28 -2.36
C TRP C 109 -24.65 -0.05 -3.77
N TYR C 110 -24.85 0.89 -4.72
CA TYR C 110 -24.39 0.78 -6.11
C TYR C 110 -24.45 2.15 -6.80
N PHE C 111 -23.74 2.30 -7.94
CA PHE C 111 -23.77 3.56 -8.71
C PHE C 111 -24.92 3.44 -9.68
N ASP C 112 -26.09 3.94 -9.28
CA ASP C 112 -27.30 3.79 -10.11
C ASP C 112 -27.39 4.78 -11.24
N VAL C 113 -27.04 6.06 -11.05
CA VAL C 113 -27.13 7.03 -12.15
C VAL C 113 -25.77 7.69 -12.36
N TRP C 114 -25.45 7.97 -13.63
CA TRP C 114 -24.19 8.58 -14.08
C TRP C 114 -24.43 9.74 -15.05
N GLY C 115 -23.42 10.58 -15.20
CA GLY C 115 -23.41 11.66 -16.16
C GLY C 115 -22.78 11.10 -17.43
N THR C 116 -22.86 11.82 -18.57
CA THR C 116 -22.34 11.30 -19.85
C THR C 116 -20.83 11.45 -20.04
N GLY C 117 -20.16 12.18 -19.15
CA GLY C 117 -18.73 12.40 -19.18
C GLY C 117 -18.36 13.78 -19.71
N THR C 118 -17.19 14.31 -19.28
CA THR C 118 -16.67 15.60 -19.75
C THR C 118 -15.26 15.36 -20.23
N THR C 119 -14.99 15.59 -21.54
CA THR C 119 -13.64 15.39 -22.10
C THR C 119 -12.76 16.59 -21.72
N VAL C 120 -11.58 16.31 -21.20
CA VAL C 120 -10.61 17.33 -20.81
C VAL C 120 -9.39 17.05 -21.67
N THR C 121 -8.99 18.05 -22.48
CA THR C 121 -7.81 17.98 -23.33
C THR C 121 -6.82 18.96 -22.74
N VAL C 122 -5.60 18.50 -22.40
CA VAL C 122 -4.54 19.36 -21.87
C VAL C 122 -3.58 19.55 -23.04
N SER C 123 -3.46 20.80 -23.56
CA SER C 123 -2.62 21.09 -24.74
C SER C 123 -2.33 22.59 -24.91
N SER C 124 -1.12 22.89 -25.43
CA SER C 124 -0.67 24.26 -25.74
C SER C 124 -1.33 24.77 -27.04
N ALA C 125 -1.79 23.82 -27.92
CA ALA C 125 -2.48 24.11 -29.18
C ALA C 125 -3.73 24.95 -28.97
N LYS C 126 -4.15 25.66 -30.00
CA LYS C 126 -5.32 26.54 -29.94
C LYS C 126 -6.55 25.86 -30.54
N THR C 127 -7.72 26.25 -30.02
CA THR C 127 -9.01 25.80 -30.51
C THR C 127 -9.19 26.32 -31.93
N THR C 128 -9.37 25.41 -32.90
CA THR C 128 -9.59 25.77 -34.30
C THR C 128 -10.93 25.12 -34.73
N PRO C 129 -11.85 25.90 -35.35
CA PRO C 129 -13.11 25.30 -35.81
C PRO C 129 -12.91 24.42 -37.07
N PRO C 130 -13.88 23.51 -37.36
CA PRO C 130 -13.76 22.68 -38.57
C PRO C 130 -14.21 23.35 -39.86
N SER C 131 -13.69 22.83 -40.97
CA SER C 131 -14.08 23.23 -42.29
C SER C 131 -14.95 22.02 -42.70
N VAL C 132 -16.22 22.26 -43.14
CA VAL C 132 -17.18 21.21 -43.52
C VAL C 132 -17.25 21.19 -45.05
N TYR C 133 -17.04 20.00 -45.65
CA TYR C 133 -17.02 19.84 -47.11
C TYR C 133 -18.07 18.82 -47.57
N PRO C 134 -18.90 19.17 -48.56
CA PRO C 134 -19.94 18.23 -49.00
C PRO C 134 -19.39 17.15 -49.93
N LEU C 135 -19.75 15.89 -49.67
CA LEU C 135 -19.34 14.75 -50.48
C LEU C 135 -20.58 14.30 -51.26
N ALA C 136 -20.72 14.83 -52.46
CA ALA C 136 -21.84 14.55 -53.36
C ALA C 136 -21.34 13.78 -54.58
N PRO C 137 -22.11 12.77 -55.06
CA PRO C 137 -21.66 12.01 -56.23
C PRO C 137 -21.92 12.77 -57.53
N GLY C 138 -21.05 12.57 -58.50
CA GLY C 138 -21.19 13.18 -59.80
C GLY C 138 -21.79 12.21 -60.80
N CYS C 139 -21.65 12.56 -62.07
CA CYS C 139 -22.03 11.82 -63.28
C CYS C 139 -22.18 10.34 -63.17
N GLY C 140 -23.21 9.80 -63.82
CA GLY C 140 -23.34 8.35 -63.92
C GLY C 140 -24.70 7.77 -64.14
N ASP C 141 -24.69 6.43 -64.37
CA ASP C 141 -25.89 5.62 -64.50
C ASP C 141 -26.14 5.03 -63.12
N THR C 142 -27.33 5.31 -62.55
CA THR C 142 -27.69 4.83 -61.21
C THR C 142 -27.88 3.33 -61.25
N THR C 143 -27.44 2.67 -60.20
CA THR C 143 -27.64 1.24 -59.99
C THR C 143 -28.21 1.16 -58.59
N GLY C 144 -29.07 0.19 -58.36
CA GLY C 144 -29.71 0.03 -57.05
C GLY C 144 -30.72 1.11 -56.72
N SER C 145 -31.37 0.95 -55.57
CA SER C 145 -32.44 1.82 -55.12
C SER C 145 -32.01 3.05 -54.37
N SER C 146 -30.77 3.08 -53.86
CA SER C 146 -30.30 4.18 -53.03
C SER C 146 -29.02 4.84 -53.50
N VAL C 147 -28.73 6.02 -52.89
CA VAL C 147 -27.56 6.85 -53.13
C VAL C 147 -26.90 7.16 -51.80
N THR C 148 -25.56 7.27 -51.77
CA THR C 148 -24.79 7.66 -50.59
C THR C 148 -24.14 9.03 -50.81
N LEU C 149 -24.31 9.89 -49.80
CA LEU C 149 -23.73 11.23 -49.78
C LEU C 149 -22.91 11.32 -48.49
N GLY C 150 -22.24 12.43 -48.27
CA GLY C 150 -21.46 12.55 -47.05
C GLY C 150 -20.94 13.94 -46.74
N CYS C 151 -20.25 14.04 -45.60
CA CYS C 151 -19.61 15.26 -45.14
C CYS C 151 -18.25 14.98 -44.64
N LEU C 152 -17.30 15.82 -45.06
CA LEU C 152 -15.94 15.73 -44.59
C LEU C 152 -15.76 16.93 -43.65
N VAL C 153 -15.45 16.65 -42.36
CA VAL C 153 -15.22 17.63 -41.30
C VAL C 153 -13.71 17.59 -41.06
N LYS C 154 -13.01 18.65 -41.43
CA LYS C 154 -11.56 18.67 -41.42
C LYS C 154 -10.97 19.86 -40.68
N GLY C 155 -9.77 19.67 -40.15
CA GLY C 155 -8.97 20.69 -39.50
C GLY C 155 -9.55 21.40 -38.29
N TYR C 156 -9.93 20.62 -37.26
CA TYR C 156 -10.49 21.16 -36.02
C TYR C 156 -9.74 20.64 -34.80
N PHE C 157 -9.90 21.32 -33.65
CA PHE C 157 -9.26 20.91 -32.39
C PHE C 157 -9.99 21.52 -31.20
N PRO C 158 -10.26 20.78 -30.09
CA PRO C 158 -10.00 19.34 -29.81
C PRO C 158 -11.06 18.39 -30.39
N GLU C 159 -10.99 17.06 -30.10
CA GLU C 159 -11.84 16.05 -30.74
C GLU C 159 -13.39 16.19 -30.59
N SER C 160 -13.90 16.99 -29.67
CA SER C 160 -15.36 17.13 -29.54
C SER C 160 -16.15 17.59 -30.81
N VAL C 161 -16.69 16.67 -31.68
CA VAL C 161 -17.49 17.08 -32.86
C VAL C 161 -18.71 16.14 -33.08
N THR C 162 -19.90 16.71 -33.45
CA THR C 162 -21.16 15.98 -33.68
C THR C 162 -21.81 16.29 -35.04
N VAL C 163 -21.94 15.26 -35.91
CA VAL C 163 -22.55 15.42 -37.23
C VAL C 163 -23.95 14.80 -37.22
N THR C 164 -24.95 15.53 -37.75
CA THR C 164 -26.34 15.05 -37.83
C THR C 164 -26.90 15.41 -39.19
N TRP C 165 -27.73 14.54 -39.77
CA TRP C 165 -28.27 14.73 -41.12
C TRP C 165 -29.68 15.26 -41.11
N ASN C 166 -29.92 16.27 -41.98
CA ASN C 166 -31.10 17.11 -42.02
C ASN C 166 -31.11 17.77 -40.62
N SER C 167 -31.98 17.33 -39.70
CA SER C 167 -31.93 17.80 -38.30
C SER C 167 -32.28 16.58 -37.43
N GLY C 168 -31.53 15.50 -37.63
CA GLY C 168 -31.75 14.22 -36.98
C GLY C 168 -32.87 13.40 -37.62
N SER C 169 -33.49 13.92 -38.73
CA SER C 169 -34.58 13.28 -39.48
C SER C 169 -34.06 11.95 -40.01
N LEU C 170 -32.82 12.00 -40.55
CA LEU C 170 -32.07 10.86 -41.06
C LEU C 170 -31.04 10.42 -40.01
N SER C 171 -31.37 9.33 -39.27
CA SER C 171 -30.54 8.68 -38.25
C SER C 171 -30.11 7.33 -38.87
N SER C 172 -30.84 6.95 -39.96
CA SER C 172 -30.64 5.76 -40.76
C SER C 172 -30.84 6.08 -42.30
N SER C 173 -29.98 5.55 -43.20
CA SER C 173 -28.79 4.74 -42.88
C SER C 173 -27.62 5.74 -42.80
N VAL C 174 -27.13 6.08 -41.56
CA VAL C 174 -26.05 7.06 -41.30
C VAL C 174 -24.86 6.38 -40.64
N HIS C 175 -23.63 6.68 -41.10
CA HIS C 175 -22.39 6.17 -40.51
C HIS C 175 -21.50 7.35 -40.15
N THR C 176 -20.91 7.31 -38.98
CA THR C 176 -20.06 8.37 -38.46
C THR C 176 -18.71 7.72 -38.20
N PHE C 177 -17.67 8.15 -38.90
CA PHE C 177 -16.37 7.51 -38.79
C PHE C 177 -15.48 8.15 -37.71
N PRO C 178 -14.81 7.35 -36.87
CA PRO C 178 -13.90 7.95 -35.86
C PRO C 178 -12.92 8.95 -36.42
N ALA C 179 -12.61 10.04 -35.68
CA ALA C 179 -11.65 11.05 -36.13
C ALA C 179 -10.22 10.54 -36.08
N LEU C 180 -9.33 11.11 -36.89
CA LEU C 180 -7.90 10.81 -36.90
C LEU C 180 -7.13 12.11 -36.92
N LEU C 181 -5.88 12.09 -36.41
CA LEU C 181 -5.05 13.30 -36.41
C LEU C 181 -4.38 13.46 -37.77
N GLN C 182 -4.37 14.69 -38.29
CA GLN C 182 -3.79 15.03 -39.57
C GLN C 182 -2.94 16.28 -39.41
N SER C 183 -1.71 16.06 -38.96
CA SER C 183 -0.72 17.10 -38.70
C SER C 183 -1.21 18.04 -37.59
N GLY C 184 -1.59 17.45 -36.47
CA GLY C 184 -2.05 18.18 -35.29
C GLY C 184 -3.53 18.45 -35.18
N LEU C 185 -4.29 18.37 -36.31
CA LEU C 185 -5.73 18.62 -36.30
C LEU C 185 -6.54 17.37 -36.56
N TYR C 186 -7.77 17.34 -36.08
CA TYR C 186 -8.62 16.19 -36.29
C TYR C 186 -9.36 16.27 -37.63
N THR C 187 -9.54 15.09 -38.25
CA THR C 187 -10.30 14.90 -39.50
C THR C 187 -11.24 13.71 -39.29
N MET C 188 -12.50 13.91 -39.66
CA MET C 188 -13.55 12.92 -39.51
C MET C 188 -14.57 13.08 -40.66
N SER C 189 -15.27 12.01 -41.05
CA SER C 189 -16.27 12.10 -42.12
C SER C 189 -17.54 11.37 -41.69
N SER C 190 -18.66 11.67 -42.36
CA SER C 190 -19.95 11.03 -42.08
C SER C 190 -20.70 10.71 -43.37
N SER C 191 -21.25 9.50 -43.47
CA SER C 191 -22.01 9.03 -44.64
C SER C 191 -23.51 9.00 -44.29
N VAL C 192 -24.38 9.35 -45.25
CA VAL C 192 -25.83 9.21 -45.16
C VAL C 192 -26.26 8.48 -46.43
N THR C 193 -27.27 7.62 -46.35
CA THR C 193 -27.77 6.90 -47.53
C THR C 193 -29.25 7.17 -47.65
N VAL C 194 -29.71 7.57 -48.84
CA VAL C 194 -31.13 7.91 -49.09
C VAL C 194 -31.55 7.26 -50.41
N PRO C 195 -32.85 7.06 -50.68
CA PRO C 195 -33.23 6.43 -51.96
C PRO C 195 -32.98 7.36 -53.14
N SER C 196 -32.72 6.78 -54.32
CA SER C 196 -32.48 7.53 -55.54
C SER C 196 -33.63 8.51 -55.80
N SER C 197 -34.87 8.07 -55.46
CA SER C 197 -36.12 8.83 -55.57
C SER C 197 -35.97 10.27 -55.01
N THR C 198 -35.42 10.37 -53.76
CA THR C 198 -35.25 11.62 -53.04
C THR C 198 -34.15 12.53 -53.67
N TRP C 199 -32.88 12.39 -53.27
CA TRP C 199 -31.78 13.24 -53.78
C TRP C 199 -31.54 13.01 -55.29
N PRO C 200 -31.31 14.04 -56.16
CA PRO C 200 -31.19 15.49 -55.89
C PRO C 200 -32.49 16.29 -55.85
N SER C 201 -33.65 15.65 -56.10
CA SER C 201 -34.96 16.33 -56.06
C SER C 201 -35.17 16.94 -54.66
N GLN C 202 -35.09 16.10 -53.62
CA GLN C 202 -35.15 16.50 -52.21
C GLN C 202 -33.74 16.96 -51.82
N THR C 203 -33.63 17.90 -50.85
CA THR C 203 -32.34 18.43 -50.38
C THR C 203 -31.86 17.71 -49.11
N VAL C 204 -30.56 17.37 -49.08
CA VAL C 204 -29.95 16.70 -47.93
C VAL C 204 -28.91 17.66 -47.35
N THR C 205 -28.85 17.80 -45.99
CA THR C 205 -27.97 18.74 -45.29
C THR C 205 -27.32 18.15 -44.05
N CYS C 206 -25.97 18.10 -43.97
CA CYS C 206 -25.34 17.68 -42.71
C CYS C 206 -25.22 18.94 -41.86
N SER C 207 -25.40 18.77 -40.56
CA SER C 207 -25.29 19.82 -39.56
C SER C 207 -24.16 19.39 -38.61
N VAL C 208 -23.00 20.09 -38.69
CA VAL C 208 -21.81 19.81 -37.90
C VAL C 208 -21.78 20.77 -36.72
N ALA C 209 -21.41 20.26 -35.53
CA ALA C 209 -21.34 21.04 -34.30
C ALA C 209 -20.03 20.73 -33.60
N HIS C 210 -19.20 21.76 -33.35
CA HIS C 210 -17.91 21.66 -32.65
C HIS C 210 -18.08 22.52 -31.40
N PRO C 211 -18.52 21.94 -30.24
CA PRO C 211 -18.82 22.78 -29.08
C PRO C 211 -17.60 23.51 -28.51
N ALA C 212 -16.42 22.88 -28.53
CA ALA C 212 -15.21 23.53 -28.03
C ALA C 212 -14.93 24.91 -28.64
N SER C 213 -15.37 25.20 -29.88
CA SER C 213 -15.23 26.53 -30.51
C SER C 213 -16.57 27.27 -30.61
N SER C 214 -17.63 26.70 -29.99
CA SER C 214 -18.99 27.23 -29.97
C SER C 214 -19.50 27.56 -31.39
N THR C 215 -19.26 26.63 -32.36
CA THR C 215 -19.61 26.82 -33.77
C THR C 215 -20.53 25.71 -34.31
N THR C 216 -21.43 26.11 -35.25
CA THR C 216 -22.36 25.22 -35.93
C THR C 216 -22.46 25.59 -37.39
N VAL C 217 -22.14 24.62 -38.27
CA VAL C 217 -22.15 24.79 -39.73
C VAL C 217 -23.13 23.81 -40.32
N ASP C 218 -23.96 24.29 -41.25
CA ASP C 218 -24.94 23.49 -41.97
C ASP C 218 -24.55 23.52 -43.44
N LYS C 219 -23.89 22.45 -43.92
CA LYS C 219 -23.51 22.35 -45.34
C LYS C 219 -24.60 21.57 -46.08
N LYS C 220 -25.10 22.17 -47.17
CA LYS C 220 -26.17 21.61 -48.00
C LYS C 220 -25.53 20.80 -49.12
N LEU C 221 -26.06 19.60 -49.40
CA LEU C 221 -25.50 18.79 -50.48
C LEU C 221 -26.21 19.06 -51.80
N GLU C 222 -25.46 19.66 -52.75
CA GLU C 222 -25.81 19.95 -54.14
C GLU C 222 -24.61 20.64 -54.83
N ASP D 1 -4.17 -1.60 -2.43
CA ASP D 1 -5.20 -1.33 -3.43
C ASP D 1 -5.56 -2.66 -4.13
N ILE D 2 -6.87 -3.01 -4.16
CA ILE D 2 -7.34 -4.28 -4.74
C ILE D 2 -7.20 -4.16 -6.27
N VAL D 3 -6.63 -5.19 -6.92
CA VAL D 3 -6.36 -5.19 -8.35
C VAL D 3 -7.37 -6.01 -9.15
N MET D 4 -8.08 -5.35 -10.10
CA MET D 4 -9.08 -6.00 -10.94
C MET D 4 -8.41 -6.44 -12.24
N THR D 5 -8.49 -7.75 -12.53
CA THR D 5 -7.87 -8.36 -13.71
C THR D 5 -9.00 -8.98 -14.54
N GLN D 6 -9.46 -8.23 -15.55
CA GLN D 6 -10.58 -8.64 -16.39
C GLN D 6 -10.16 -9.40 -17.66
N SER D 7 -11.03 -10.30 -18.19
CA SER D 7 -10.75 -11.08 -19.40
C SER D 7 -10.42 -10.18 -20.59
N GLN D 8 -9.51 -10.65 -21.46
CA GLN D 8 -9.11 -9.85 -22.62
C GLN D 8 -10.21 -9.89 -23.68
N LYS D 9 -10.90 -11.03 -23.82
CA LYS D 9 -12.01 -11.19 -24.77
C LYS D 9 -13.11 -12.13 -24.21
N PHE D 10 -14.31 -12.03 -24.77
CA PHE D 10 -15.45 -12.88 -24.36
C PHE D 10 -15.22 -14.30 -24.83
N MET D 11 -15.42 -15.31 -23.94
CA MET D 11 -15.26 -16.71 -24.32
C MET D 11 -16.66 -17.37 -24.52
N SER D 12 -16.91 -17.92 -25.74
CA SER D 12 -18.18 -18.56 -26.13
C SER D 12 -18.35 -19.98 -25.60
N THR D 13 -19.63 -20.39 -25.45
CA THR D 13 -20.08 -21.71 -24.96
C THR D 13 -21.47 -21.98 -25.59
N SER D 14 -21.90 -23.28 -25.71
CA SER D 14 -23.22 -23.65 -26.28
C SER D 14 -23.47 -23.12 -27.72
N GLY D 15 -22.41 -23.03 -28.51
CA GLY D 15 -22.49 -22.53 -29.88
C GLY D 15 -22.81 -21.05 -29.97
N GLY D 16 -22.11 -20.24 -29.17
CA GLY D 16 -22.28 -18.79 -29.13
C GLY D 16 -23.53 -18.24 -28.46
N ASP D 17 -24.37 -19.12 -27.79
CA ASP D 17 -25.58 -18.69 -27.06
C ASP D 17 -25.20 -18.03 -25.75
N ARG D 18 -24.23 -18.59 -25.03
CA ARG D 18 -23.68 -17.99 -23.83
C ARG D 18 -22.25 -17.47 -24.19
N VAL D 19 -21.95 -16.19 -23.87
CA VAL D 19 -20.62 -15.57 -24.02
C VAL D 19 -20.25 -14.99 -22.64
N SER D 20 -19.00 -15.19 -22.15
CA SER D 20 -18.61 -14.72 -20.82
C SER D 20 -17.25 -14.09 -20.69
N ILE D 21 -17.09 -13.27 -19.63
CA ILE D 21 -15.83 -12.66 -19.22
C ILE D 21 -15.68 -12.91 -17.73
N THR D 22 -14.44 -13.07 -17.28
CA THR D 22 -14.09 -13.30 -15.90
C THR D 22 -13.40 -12.06 -15.39
N CYS D 23 -13.46 -11.85 -14.08
CA CYS D 23 -12.86 -10.72 -13.40
C CYS D 23 -12.33 -11.26 -12.08
N LYS D 24 -11.00 -11.13 -11.84
CA LYS D 24 -10.36 -11.67 -10.64
C LYS D 24 -9.74 -10.56 -9.81
N THR D 25 -9.90 -10.65 -8.47
CA THR D 25 -9.42 -9.63 -7.53
C THR D 25 -8.14 -10.10 -6.80
N SER D 26 -7.25 -9.16 -6.39
CA SER D 26 -6.03 -9.52 -5.68
C SER D 26 -6.29 -9.99 -4.28
N GLN D 27 -7.39 -9.55 -3.66
CA GLN D 27 -7.76 -10.03 -2.32
C GLN D 27 -9.27 -10.30 -2.23
N ASN D 28 -9.72 -10.95 -1.15
CA ASN D 28 -11.12 -11.36 -0.99
C ASN D 28 -12.10 -10.17 -0.81
N VAL D 29 -12.95 -9.97 -1.82
CA VAL D 29 -13.95 -8.90 -1.80
C VAL D 29 -15.35 -9.47 -1.51
N GLY D 30 -15.42 -10.70 -0.99
CA GLY D 30 -16.68 -11.35 -0.69
C GLY D 30 -17.53 -11.41 -1.93
N THR D 31 -18.59 -10.62 -1.95
CA THR D 31 -19.55 -10.57 -3.04
C THR D 31 -19.73 -9.10 -3.53
N ALA D 32 -18.87 -8.18 -3.07
CA ALA D 32 -18.90 -6.76 -3.38
C ALA D 32 -18.31 -6.48 -4.75
N VAL D 33 -18.99 -6.93 -5.79
CA VAL D 33 -18.55 -6.74 -7.17
C VAL D 33 -19.77 -6.39 -8.01
N ALA D 34 -19.70 -5.28 -8.80
CA ALA D 34 -20.81 -4.89 -9.68
C ALA D 34 -20.34 -4.88 -11.15
N TRP D 35 -21.25 -5.10 -12.11
CA TRP D 35 -20.91 -5.14 -13.54
C TRP D 35 -21.64 -4.05 -14.29
N PHE D 36 -20.93 -3.36 -15.19
CA PHE D 36 -21.49 -2.26 -15.98
C PHE D 36 -21.39 -2.51 -17.46
N GLN D 37 -22.29 -1.86 -18.20
CA GLN D 37 -22.32 -1.84 -19.65
C GLN D 37 -22.05 -0.42 -20.05
N GLN D 38 -21.15 -0.20 -21.01
CA GLN D 38 -20.91 1.15 -21.48
C GLN D 38 -20.81 1.16 -22.97
N LYS D 39 -21.76 1.87 -23.60
CA LYS D 39 -21.78 2.05 -25.05
C LYS D 39 -20.99 3.36 -25.34
N PRO D 40 -20.22 3.45 -26.45
CA PRO D 40 -19.43 4.68 -26.73
C PRO D 40 -20.24 6.01 -26.71
N GLY D 41 -19.69 7.01 -26.00
CA GLY D 41 -20.32 8.31 -25.84
C GLY D 41 -21.49 8.34 -24.87
N GLN D 42 -21.75 7.19 -24.17
CA GLN D 42 -22.84 7.07 -23.21
C GLN D 42 -22.31 6.76 -21.82
N SER D 43 -23.16 7.03 -20.80
CA SER D 43 -22.81 6.85 -19.40
C SER D 43 -22.87 5.36 -18.99
N PRO D 44 -21.97 4.84 -18.12
CA PRO D 44 -22.10 3.43 -17.72
C PRO D 44 -23.51 3.10 -17.21
N LYS D 45 -23.97 1.86 -17.50
CA LYS D 45 -25.29 1.36 -17.12
C LYS D 45 -25.08 0.17 -16.16
N LEU D 46 -25.60 0.29 -14.91
CA LEU D 46 -25.49 -0.78 -13.93
C LEU D 46 -26.29 -2.01 -14.39
N LEU D 47 -25.66 -3.20 -14.34
CA LEU D 47 -26.31 -4.45 -14.76
C LEU D 47 -26.51 -5.43 -13.60
N ILE D 48 -25.39 -5.83 -12.96
CA ILE D 48 -25.38 -6.80 -11.85
C ILE D 48 -24.75 -6.07 -10.70
N TYR D 49 -25.31 -6.22 -9.51
CA TYR D 49 -24.72 -5.63 -8.29
C TYR D 49 -24.62 -6.78 -7.29
N SER D 50 -23.70 -6.65 -6.33
CA SER D 50 -23.51 -7.66 -5.29
C SER D 50 -23.26 -9.05 -5.89
N ALA D 51 -22.41 -9.10 -6.95
CA ALA D 51 -21.94 -10.28 -7.69
C ALA D 51 -22.96 -10.98 -8.58
N SER D 52 -24.23 -11.03 -8.18
CA SER D 52 -25.25 -11.77 -8.93
C SER D 52 -26.67 -11.17 -8.97
N ASN D 53 -26.95 -10.05 -8.30
CA ASN D 53 -28.30 -9.48 -8.30
C ASN D 53 -28.44 -8.56 -9.47
N ARG D 54 -29.56 -8.66 -10.22
CA ARG D 54 -29.77 -7.83 -11.40
C ARG D 54 -30.42 -6.49 -11.04
N TYR D 55 -29.89 -5.37 -11.53
CA TYR D 55 -30.51 -4.05 -11.30
C TYR D 55 -31.90 -4.01 -12.02
N THR D 56 -32.81 -3.09 -11.59
CA THR D 56 -34.19 -3.04 -12.10
C THR D 56 -34.18 -2.72 -13.59
N GLY D 57 -34.98 -3.48 -14.33
CA GLY D 57 -35.09 -3.31 -15.77
C GLY D 57 -34.09 -4.11 -16.57
N VAL D 58 -33.01 -4.63 -15.95
CA VAL D 58 -31.99 -5.36 -16.68
C VAL D 58 -32.53 -6.70 -17.16
N SER D 59 -32.30 -7.05 -18.45
CA SER D 59 -32.76 -8.31 -19.06
C SER D 59 -32.23 -9.54 -18.31
N ASP D 60 -33.05 -10.59 -18.26
CA ASP D 60 -32.64 -11.87 -17.66
C ASP D 60 -31.55 -12.61 -18.50
N ARG D 61 -31.17 -12.05 -19.69
CA ARG D 61 -30.07 -12.56 -20.50
C ARG D 61 -28.72 -12.22 -19.87
N PHE D 62 -28.68 -11.25 -18.92
CA PHE D 62 -27.45 -10.87 -18.22
C PHE D 62 -27.38 -11.54 -16.87
N THR D 63 -26.31 -12.29 -16.57
CA THR D 63 -26.13 -12.94 -15.28
C THR D 63 -24.71 -12.79 -14.77
N GLY D 64 -24.57 -12.84 -13.45
CA GLY D 64 -23.30 -12.74 -12.77
C GLY D 64 -23.22 -13.78 -11.68
N SER D 65 -22.01 -14.28 -11.43
CA SER D 65 -21.79 -15.28 -10.40
C SER D 65 -20.40 -15.08 -9.83
N GLY D 66 -20.11 -15.85 -8.80
CA GLY D 66 -18.83 -15.83 -8.11
C GLY D 66 -18.87 -15.20 -6.72
N SER D 67 -17.79 -15.47 -5.99
CA SER D 67 -17.55 -14.96 -4.65
C SER D 67 -16.02 -15.02 -4.39
N GLY D 68 -15.56 -14.32 -3.36
CA GLY D 68 -14.16 -14.31 -2.98
C GLY D 68 -13.24 -13.55 -3.93
N THR D 69 -12.60 -14.26 -4.90
CA THR D 69 -11.67 -13.62 -5.83
C THR D 69 -11.86 -13.99 -7.32
N GLU D 70 -12.96 -14.64 -7.68
CA GLU D 70 -13.24 -14.94 -9.09
C GLU D 70 -14.73 -14.75 -9.30
N PHE D 71 -15.06 -13.95 -10.32
CA PHE D 71 -16.41 -13.52 -10.65
C PHE D 71 -16.59 -13.58 -12.15
N ILE D 72 -17.70 -14.19 -12.63
CA ILE D 72 -18.02 -14.36 -14.04
C ILE D 72 -19.26 -13.57 -14.41
N PHE D 73 -19.25 -12.93 -15.60
CA PHE D 73 -20.38 -12.18 -16.14
C PHE D 73 -20.65 -12.83 -17.48
N THR D 74 -21.93 -13.18 -17.75
CA THR D 74 -22.36 -13.91 -18.94
C THR D 74 -23.56 -13.25 -19.65
N ILE D 75 -23.58 -13.28 -21.00
CA ILE D 75 -24.70 -12.77 -21.79
C ILE D 75 -25.28 -13.97 -22.57
N SER D 76 -26.58 -14.28 -22.35
CA SER D 76 -27.30 -15.34 -23.06
C SER D 76 -27.96 -14.67 -24.30
N TYR D 77 -27.85 -15.30 -25.49
CA TYR D 77 -28.47 -14.82 -26.74
C TYR D 77 -28.11 -13.38 -27.01
N ALA D 78 -26.78 -13.14 -27.08
CA ALA D 78 -26.23 -11.81 -27.31
C ALA D 78 -26.74 -11.22 -28.63
N GLN D 79 -27.19 -9.97 -28.61
CA GLN D 79 -27.72 -9.27 -29.77
C GLN D 79 -26.75 -8.21 -30.23
N SER D 80 -27.01 -7.61 -31.41
CA SER D 80 -26.22 -6.51 -31.97
C SER D 80 -26.35 -5.33 -31.02
N GLU D 81 -27.55 -5.19 -30.45
CA GLU D 81 -27.94 -4.16 -29.50
C GLU D 81 -27.10 -4.24 -28.21
N ASP D 82 -26.48 -5.40 -27.89
CA ASP D 82 -25.62 -5.60 -26.71
C ASP D 82 -24.16 -5.28 -26.98
N LEU D 83 -23.80 -4.79 -28.19
CA LEU D 83 -22.41 -4.47 -28.51
C LEU D 83 -22.07 -3.23 -27.75
N ALA D 84 -21.14 -3.37 -26.80
CA ALA D 84 -20.66 -2.31 -25.91
C ALA D 84 -19.43 -2.82 -25.15
N ASP D 85 -18.92 -2.02 -24.21
CA ASP D 85 -17.83 -2.42 -23.35
C ASP D 85 -18.45 -2.88 -22.06
N TYR D 86 -17.85 -3.86 -21.42
CA TYR D 86 -18.33 -4.37 -20.16
C TYR D 86 -17.21 -4.31 -19.12
N PHE D 87 -17.48 -3.80 -17.90
CA PHE D 87 -16.46 -3.75 -16.84
C PHE D 87 -17.00 -4.10 -15.46
N CYS D 88 -16.11 -4.61 -14.58
CA CYS D 88 -16.42 -4.98 -13.19
C CYS D 88 -15.82 -3.97 -12.29
N HIS D 89 -16.20 -4.01 -11.01
CA HIS D 89 -15.58 -3.17 -10.01
C HIS D 89 -15.85 -3.68 -8.63
N GLN D 90 -14.87 -3.56 -7.73
CA GLN D 90 -15.05 -4.01 -6.34
C GLN D 90 -15.44 -2.83 -5.47
N TYR D 91 -16.26 -3.09 -4.45
CA TYR D 91 -16.60 -2.03 -3.51
C TYR D 91 -16.45 -2.52 -2.05
N SER D 92 -15.60 -3.59 -1.85
CA SER D 92 -15.22 -4.10 -0.54
C SER D 92 -14.28 -3.12 0.18
N SER D 93 -13.42 -2.41 -0.57
CA SER D 93 -12.47 -1.50 0.07
C SER D 93 -12.19 -0.27 -0.81
N TYR D 94 -12.01 0.90 -0.17
CA TYR D 94 -11.60 2.13 -0.86
C TYR D 94 -10.04 2.16 -0.94
N PRO D 95 -9.41 2.71 -2.02
CA PRO D 95 -10.04 3.28 -3.21
C PRO D 95 -10.76 2.20 -4.02
N LEU D 96 -11.91 2.57 -4.59
CA LEU D 96 -12.69 1.67 -5.42
C LEU D 96 -11.83 1.36 -6.68
N THR D 97 -11.81 0.09 -7.13
CA THR D 97 -11.00 -0.29 -8.29
C THR D 97 -11.87 -0.98 -9.35
N PHE D 98 -11.59 -0.72 -10.64
CA PHE D 98 -12.38 -1.22 -11.78
C PHE D 98 -11.53 -2.06 -12.73
N GLY D 99 -12.16 -2.99 -13.43
CA GLY D 99 -11.50 -3.77 -14.46
C GLY D 99 -11.33 -2.89 -15.69
N ALA D 100 -10.42 -3.32 -16.58
CA ALA D 100 -10.07 -2.53 -17.77
C ALA D 100 -11.18 -2.34 -18.79
N GLY D 101 -12.13 -3.26 -18.83
CA GLY D 101 -13.18 -3.24 -19.82
C GLY D 101 -12.87 -4.31 -20.83
N THR D 102 -13.92 -4.84 -21.48
CA THR D 102 -13.84 -5.88 -22.51
C THR D 102 -14.95 -5.54 -23.50
N LYS D 103 -14.59 -5.40 -24.79
CA LYS D 103 -15.55 -5.06 -25.84
C LYS D 103 -16.18 -6.36 -26.36
N LEU D 104 -17.51 -6.38 -26.52
CA LEU D 104 -18.20 -7.57 -27.00
C LEU D 104 -18.06 -7.63 -28.52
N GLU D 105 -17.60 -8.77 -29.06
CA GLU D 105 -17.53 -9.00 -30.51
C GLU D 105 -18.55 -10.11 -30.85
N LEU D 106 -19.27 -9.98 -31.97
CA LEU D 106 -20.27 -10.95 -32.39
C LEU D 106 -20.02 -11.43 -33.83
N LYS D 107 -20.40 -12.68 -34.12
CA LYS D 107 -20.23 -13.27 -35.44
C LYS D 107 -21.49 -13.05 -36.21
N ARG D 108 -21.39 -13.14 -37.51
CA ARG D 108 -22.51 -12.78 -38.38
C ARG D 108 -22.30 -13.42 -39.76
N ALA D 109 -23.35 -13.49 -40.59
CA ALA D 109 -23.21 -13.95 -41.99
C ALA D 109 -22.31 -12.94 -42.71
N ASP D 110 -21.42 -13.41 -43.60
CA ASP D 110 -20.54 -12.50 -44.34
C ASP D 110 -21.36 -11.59 -45.26
N ALA D 111 -20.91 -10.35 -45.43
CA ALA D 111 -21.60 -9.35 -46.26
C ALA D 111 -20.56 -8.56 -47.00
N ALA D 112 -20.78 -8.27 -48.29
CA ALA D 112 -19.83 -7.49 -49.08
C ALA D 112 -20.04 -5.99 -48.81
N PRO D 113 -18.96 -5.18 -48.96
CA PRO D 113 -19.13 -3.72 -48.78
C PRO D 113 -19.85 -3.01 -49.92
N THR D 114 -20.43 -1.85 -49.60
CA THR D 114 -21.06 -0.93 -50.55
C THR D 114 -20.08 0.24 -50.68
N VAL D 115 -19.25 0.21 -51.75
CA VAL D 115 -18.19 1.19 -52.00
C VAL D 115 -18.73 2.39 -52.80
N SER D 116 -18.32 3.61 -52.43
CA SER D 116 -18.76 4.86 -53.09
C SER D 116 -17.62 5.87 -52.99
N ILE D 117 -17.18 6.40 -54.13
CA ILE D 117 -16.06 7.33 -54.22
C ILE D 117 -16.61 8.76 -54.40
N PHE D 118 -15.88 9.74 -53.84
CA PHE D 118 -16.27 11.14 -53.88
C PHE D 118 -15.05 11.98 -54.20
N PRO D 119 -15.17 12.90 -55.17
CA PRO D 119 -14.05 13.77 -55.48
C PRO D 119 -13.95 14.93 -54.47
N PRO D 120 -12.81 15.65 -54.42
CA PRO D 120 -12.72 16.83 -53.56
C PRO D 120 -13.76 17.89 -53.94
N SER D 121 -14.24 18.62 -52.93
CA SER D 121 -15.21 19.69 -53.15
C SER D 121 -14.49 20.94 -53.66
N SER D 122 -15.23 21.81 -54.34
CA SER D 122 -14.66 23.06 -54.83
C SER D 122 -14.28 23.93 -53.61
N GLU D 123 -15.09 23.84 -52.52
CA GLU D 123 -14.87 24.57 -51.28
C GLU D 123 -13.49 24.24 -50.72
N GLN D 124 -13.07 22.95 -50.76
CA GLN D 124 -11.77 22.52 -50.23
C GLN D 124 -10.62 22.89 -51.14
N LEU D 125 -10.78 22.71 -52.45
CA LEU D 125 -9.74 23.01 -53.44
C LEU D 125 -9.44 24.48 -53.46
N THR D 126 -10.45 25.36 -53.28
CA THR D 126 -10.20 26.81 -53.24
C THR D 126 -9.30 27.17 -52.02
N SER D 127 -9.32 26.33 -50.98
CA SER D 127 -8.52 26.47 -49.78
C SER D 127 -7.24 25.60 -49.82
N GLY D 128 -6.77 25.21 -51.00
CA GLY D 128 -5.53 24.47 -51.17
C GLY D 128 -5.43 23.00 -50.85
N GLY D 129 -6.53 22.32 -50.53
CA GLY D 129 -6.49 20.91 -50.20
C GLY D 129 -7.31 20.05 -51.14
N ALA D 130 -7.01 18.74 -51.20
CA ALA D 130 -7.76 17.82 -52.05
C ALA D 130 -7.88 16.41 -51.41
N SER D 131 -9.00 16.15 -50.70
CA SER D 131 -9.26 14.87 -50.05
C SER D 131 -10.23 14.08 -50.90
N VAL D 132 -9.79 12.91 -51.40
CA VAL D 132 -10.61 12.03 -52.22
C VAL D 132 -11.12 10.98 -51.22
N VAL D 133 -12.46 10.86 -51.04
CA VAL D 133 -13.05 9.99 -50.03
C VAL D 133 -13.72 8.77 -50.61
N CYS D 134 -13.48 7.62 -50.01
CA CYS D 134 -14.14 6.36 -50.36
C CYS D 134 -14.84 5.82 -49.10
N PHE D 135 -16.11 5.37 -49.19
CA PHE D 135 -16.82 4.80 -48.03
C PHE D 135 -17.10 3.34 -48.34
N LEU D 136 -16.69 2.43 -47.45
CA LEU D 136 -16.90 1.00 -47.60
C LEU D 136 -17.85 0.57 -46.50
N ASN D 137 -19.17 0.58 -46.78
CA ASN D 137 -20.21 0.38 -45.76
C ASN D 137 -20.88 -0.99 -45.69
N ASN D 138 -21.17 -1.39 -44.43
CA ASN D 138 -21.93 -2.55 -44.02
C ASN D 138 -21.40 -3.86 -44.52
N PHE D 139 -20.17 -4.16 -44.14
CA PHE D 139 -19.52 -5.39 -44.52
C PHE D 139 -19.19 -6.23 -43.30
N TYR D 140 -18.94 -7.52 -43.52
CA TYR D 140 -18.54 -8.45 -42.46
C TYR D 140 -17.82 -9.62 -43.15
N PRO D 141 -16.61 -10.06 -42.73
CA PRO D 141 -15.81 -9.64 -41.57
C PRO D 141 -15.17 -8.27 -41.64
N LYS D 142 -14.62 -7.81 -40.50
CA LYS D 142 -13.93 -6.51 -40.36
C LYS D 142 -12.71 -6.42 -41.28
N ASP D 143 -12.01 -7.55 -41.52
CA ASP D 143 -10.81 -7.54 -42.36
C ASP D 143 -11.13 -7.22 -43.84
N ILE D 144 -10.46 -6.18 -44.38
CA ILE D 144 -10.64 -5.68 -45.73
C ILE D 144 -9.37 -4.92 -46.11
N ASN D 145 -9.00 -4.93 -47.42
CA ASN D 145 -7.86 -4.17 -47.93
C ASN D 145 -8.40 -3.13 -48.92
N VAL D 146 -7.88 -1.90 -48.86
CA VAL D 146 -8.27 -0.82 -49.77
C VAL D 146 -7.02 -0.36 -50.52
N LYS D 147 -7.10 -0.32 -51.88
CA LYS D 147 -6.02 0.11 -52.75
C LYS D 147 -6.44 1.35 -53.53
N TRP D 148 -5.61 2.42 -53.48
CA TRP D 148 -5.84 3.66 -54.23
C TRP D 148 -4.94 3.72 -55.45
N LYS D 149 -5.51 4.15 -56.60
CA LYS D 149 -4.77 4.31 -57.86
C LYS D 149 -4.97 5.73 -58.41
N ILE D 150 -3.88 6.37 -58.89
CA ILE D 150 -3.93 7.71 -59.49
C ILE D 150 -3.43 7.57 -60.93
N ASP D 151 -4.36 7.60 -61.90
CA ASP D 151 -4.07 7.43 -63.32
C ASP D 151 -3.53 6.00 -63.52
N GLY D 152 -4.19 5.04 -62.87
CA GLY D 152 -3.82 3.62 -62.95
C GLY D 152 -2.62 3.17 -62.14
N SER D 153 -1.81 4.10 -61.58
CA SER D 153 -0.62 3.81 -60.81
C SER D 153 -0.96 3.82 -59.31
N GLU D 154 -0.67 2.72 -58.59
CA GLU D 154 -0.93 2.59 -57.14
C GLU D 154 -0.29 3.72 -56.28
N ARG D 155 -1.04 4.22 -55.30
CA ARG D 155 -0.62 5.30 -54.41
C ARG D 155 -0.51 4.76 -52.97
N GLN D 156 0.60 5.08 -52.27
CA GLN D 156 0.83 4.60 -50.90
C GLN D 156 0.69 5.69 -49.82
N ASN D 157 1.44 6.81 -49.93
CA ASN D 157 1.38 7.88 -48.92
C ASN D 157 0.10 8.74 -49.00
N GLY D 158 -0.33 9.30 -47.86
CA GLY D 158 -1.50 10.17 -47.77
C GLY D 158 -2.85 9.50 -47.50
N VAL D 159 -2.90 8.15 -47.41
CA VAL D 159 -4.14 7.42 -47.17
C VAL D 159 -4.38 7.18 -45.67
N LEU D 160 -5.56 7.54 -45.16
CA LEU D 160 -5.92 7.33 -43.75
C LEU D 160 -7.21 6.51 -43.69
N ASN D 161 -7.14 5.34 -43.02
CA ASN D 161 -8.27 4.43 -42.88
C ASN D 161 -8.86 4.47 -41.45
N SER D 162 -10.22 4.56 -41.37
CA SER D 162 -10.94 4.63 -40.10
C SER D 162 -12.16 3.70 -40.12
N TRP D 163 -12.17 2.67 -39.25
CA TRP D 163 -13.29 1.74 -39.11
C TRP D 163 -14.25 2.23 -38.04
N THR D 164 -15.52 1.88 -38.14
CA THR D 164 -16.47 2.14 -37.07
C THR D 164 -16.44 0.94 -36.15
N ASP D 165 -16.98 1.08 -34.96
CA ASP D 165 -17.07 -0.06 -34.05
C ASP D 165 -18.16 -0.95 -34.68
N GLN D 166 -18.16 -2.26 -34.37
CA GLN D 166 -19.17 -3.19 -34.89
C GLN D 166 -20.61 -2.60 -34.72
N ASP D 167 -21.45 -2.69 -35.76
CA ASP D 167 -22.78 -2.05 -35.80
C ASP D 167 -23.80 -2.58 -34.77
N SER D 168 -24.45 -1.66 -34.01
CA SER D 168 -25.50 -2.01 -33.05
C SER D 168 -26.78 -2.51 -33.71
N LYS D 169 -27.00 -2.18 -35.00
CA LYS D 169 -28.22 -2.57 -35.71
C LYS D 169 -28.06 -3.96 -36.31
N ASP D 170 -26.94 -4.19 -37.05
CA ASP D 170 -26.72 -5.40 -37.82
C ASP D 170 -25.38 -6.10 -37.62
N SER D 171 -24.59 -5.77 -36.59
CA SER D 171 -23.27 -6.40 -36.31
C SER D 171 -22.24 -6.36 -37.49
N THR D 172 -22.41 -5.44 -38.47
CA THR D 172 -21.48 -5.26 -39.61
C THR D 172 -20.46 -4.18 -39.24
N TYR D 173 -19.51 -3.89 -40.15
CA TYR D 173 -18.52 -2.81 -39.99
C TYR D 173 -18.66 -1.84 -41.14
N SER D 174 -18.16 -0.65 -40.94
CA SER D 174 -18.14 0.37 -41.99
C SER D 174 -16.80 1.04 -41.88
N MET D 175 -16.20 1.34 -43.01
CA MET D 175 -14.87 1.96 -43.04
C MET D 175 -14.88 3.14 -43.99
N SER D 176 -13.95 4.09 -43.80
CA SER D 176 -13.76 5.21 -44.74
C SER D 176 -12.28 5.30 -45.07
N SER D 177 -11.94 5.27 -46.38
CA SER D 177 -10.56 5.44 -46.86
C SER D 177 -10.48 6.82 -47.44
N THR D 178 -9.46 7.60 -47.04
CA THR D 178 -9.33 8.97 -47.52
C THR D 178 -7.92 9.27 -47.95
N LEU D 179 -7.76 9.58 -49.26
CA LEU D 179 -6.48 10.01 -49.86
C LEU D 179 -6.47 11.55 -49.83
N THR D 180 -5.58 12.14 -49.03
CA THR D 180 -5.46 13.60 -48.92
C THR D 180 -4.17 14.00 -49.62
N LEU D 181 -4.29 14.88 -50.64
CA LEU D 181 -3.21 15.43 -51.46
C LEU D 181 -3.31 16.94 -51.40
N THR D 182 -2.29 17.66 -51.90
CA THR D 182 -2.36 19.13 -51.98
C THR D 182 -3.16 19.48 -53.24
N LYS D 183 -3.65 20.73 -53.34
CA LYS D 183 -4.39 21.16 -54.52
C LYS D 183 -3.51 20.98 -55.79
N ASP D 184 -2.23 21.40 -55.72
CA ASP D 184 -1.30 21.30 -56.85
C ASP D 184 -1.06 19.85 -57.29
N GLU D 185 -0.84 18.97 -56.35
CA GLU D 185 -0.59 17.54 -56.56
C GLU D 185 -1.83 16.84 -57.19
N TYR D 186 -3.04 17.25 -56.75
CA TYR D 186 -4.31 16.71 -57.23
C TYR D 186 -4.54 17.17 -58.66
N GLU D 187 -4.31 18.47 -58.94
CA GLU D 187 -4.47 19.03 -60.29
C GLU D 187 -3.68 18.27 -61.37
N ARG D 188 -2.51 17.71 -61.04
CA ARG D 188 -1.63 17.03 -62.02
C ARG D 188 -2.13 15.68 -62.50
N HIS D 189 -3.23 15.13 -61.95
CA HIS D 189 -3.78 13.81 -62.37
C HIS D 189 -5.25 13.93 -62.69
N ASN D 190 -5.81 12.96 -63.47
CA ASN D 190 -7.19 13.01 -63.93
C ASN D 190 -8.08 11.89 -63.45
N SER D 191 -7.59 10.65 -63.34
CA SER D 191 -8.45 9.54 -62.87
C SER D 191 -8.03 9.02 -61.48
N TYR D 192 -8.99 9.04 -60.52
CA TYR D 192 -8.77 8.54 -59.16
C TYR D 192 -9.66 7.34 -58.97
N THR D 193 -9.05 6.18 -58.66
CA THR D 193 -9.74 4.91 -58.44
C THR D 193 -9.52 4.49 -57.00
N CYS D 194 -10.46 3.68 -56.50
CA CYS D 194 -10.46 3.17 -55.14
C CYS D 194 -10.98 1.71 -55.23
N GLU D 195 -10.11 0.71 -54.91
CA GLU D 195 -10.43 -0.72 -55.04
C GLU D 195 -10.49 -1.44 -53.69
N ALA D 196 -11.67 -1.99 -53.37
CA ALA D 196 -11.93 -2.72 -52.12
C ALA D 196 -11.87 -4.21 -52.37
N THR D 197 -10.92 -4.87 -51.70
CA THR D 197 -10.73 -6.33 -51.78
C THR D 197 -11.22 -6.95 -50.45
N HIS D 198 -12.29 -7.76 -50.53
CA HIS D 198 -12.90 -8.42 -49.36
C HIS D 198 -13.11 -9.95 -49.59
N LYS D 199 -13.34 -10.72 -48.51
CA LYS D 199 -13.58 -12.17 -48.56
C LYS D 199 -14.85 -12.60 -49.34
N THR D 200 -15.81 -11.67 -49.58
CA THR D 200 -17.05 -12.00 -50.30
C THR D 200 -16.88 -12.21 -51.83
N SER D 201 -15.70 -11.87 -52.38
CA SER D 201 -15.43 -12.02 -53.81
C SER D 201 -13.94 -12.14 -54.07
N THR D 202 -13.56 -12.89 -55.11
CA THR D 202 -12.16 -13.05 -55.56
C THR D 202 -11.78 -11.73 -56.30
N SER D 203 -12.77 -11.17 -57.03
CA SER D 203 -12.70 -9.93 -57.81
C SER D 203 -13.00 -8.70 -56.92
N PRO D 204 -12.08 -7.70 -56.82
CA PRO D 204 -12.36 -6.52 -55.98
C PRO D 204 -13.42 -5.59 -56.53
N ILE D 205 -14.10 -4.87 -55.61
CA ILE D 205 -15.10 -3.85 -55.98
C ILE D 205 -14.29 -2.63 -56.35
N VAL D 206 -14.51 -2.04 -57.55
CA VAL D 206 -13.76 -0.87 -57.98
C VAL D 206 -14.69 0.29 -58.26
N LYS D 207 -14.42 1.46 -57.66
CA LYS D 207 -15.17 2.71 -57.90
C LYS D 207 -14.15 3.81 -58.26
N SER D 208 -14.49 4.66 -59.26
CA SER D 208 -13.58 5.69 -59.72
C SER D 208 -14.29 6.84 -60.41
N PHE D 209 -13.57 7.95 -60.59
CA PHE D 209 -14.05 9.12 -61.32
C PHE D 209 -12.92 9.70 -62.16
N ASN D 210 -13.29 10.38 -63.24
CA ASN D 210 -12.35 11.05 -64.13
C ASN D 210 -12.73 12.50 -64.10
N ARG D 211 -11.78 13.35 -63.76
CA ARG D 211 -12.03 14.80 -63.67
C ARG D 211 -12.55 15.33 -65.03
N ASN D 212 -12.02 14.77 -66.16
CA ASN D 212 -12.38 15.11 -67.56
C ASN D 212 -13.84 14.88 -67.91
N GLU D 213 -14.52 13.87 -67.31
CA GLU D 213 -15.94 13.62 -67.60
C GLU D 213 -16.83 14.71 -67.00
N CYS D 214 -17.84 15.13 -67.78
CA CYS D 214 -18.91 16.07 -67.43
C CYS D 214 -18.42 17.36 -66.88
#